data_5XHJ
#
_entry.id   5XHJ
#
_cell.length_a   58.653
_cell.length_b   146.779
_cell.length_c   63.642
_cell.angle_alpha   90.000
_cell.angle_beta   97.250
_cell.angle_gamma   90.000
#
_symmetry.space_group_name_H-M   'P 1 21 1'
#
loop_
_entity.id
_entity.type
_entity.pdbx_description
1 polymer 'Bifunctional cytochrome P450/NADPH--P450 reductase'
2 non-polymer 'PROTOPORPHYRIN IX CONTAINING FE'
3 non-polymer TRYPTOPHAN
4 non-polymer '5-cyclohexylpentanoic acid'
5 water water
#
_entity_poly.entity_id   1
_entity_poly.type   'polypeptide(L)'
_entity_poly.pdbx_seq_one_letter_code
;MTIKEMPQPKTFGELKNLPLLNTDKPVQALMKIADELGEIFKFEAPGRVTRYLSSQRLIKEACDESRFDKNLSQALKFVR
DFAGDGLFTSWTHEKNWKKAHNILLPSFSQQAMKGYHAMMVDIAVQLVQKWERLNADEHIEVPEDMTRLTLDTIGLCGFN
YRFNSFYRDQPHPFITSMVRALDEAMNKLQRANPDDPAYDENKRQFQEDIKVMNDLVDKIIADRKASGEQSDDLLTHMLN
GKDPETGEPLDDENIRYQIITFLIAGHETTSGLLSFALYFLVKNPHVLQKAAEEAARVLVDPVPSYKQVKQLKYVGMVLN
EALRLWPTAPAFSLYAKEDTVLGGEYPLEKGDELMVLIPQLHRDKTIWGDDVEEFRPERFENPSAIPQHAFKPFGNGQRA
CIGQQFALHEATLVLGMMLKHFDFEDHTNYELDIKETLTLKPEGFVVKAKSKKIPL
;
_entity_poly.pdbx_strand_id   A,B
#
loop_
_chem_comp.id
_chem_comp.type
_chem_comp.name
_chem_comp.formula
87X non-polymer '5-cyclohexylpentanoic acid' 'C11 H20 O2'
HEM non-polymer 'PROTOPORPHYRIN IX CONTAINING FE' 'C34 H32 Fe N4 O4'
#
# COMPACT_ATOMS: atom_id res chain seq x y z
N LYS A 4 0.03 60.77 8.71
CA LYS A 4 -0.06 59.35 9.18
C LYS A 4 0.60 58.40 8.18
N GLU A 5 1.40 57.47 8.69
CA GLU A 5 1.93 56.35 7.90
C GLU A 5 1.23 55.07 8.36
N MET A 6 0.78 54.26 7.40
CA MET A 6 0.13 52.97 7.67
C MET A 6 1.07 52.10 8.50
N PRO A 7 0.53 51.33 9.47
CA PRO A 7 1.46 50.46 10.20
C PRO A 7 2.23 49.52 9.28
N GLN A 8 3.48 49.25 9.64
CA GLN A 8 4.37 48.44 8.83
C GLN A 8 5.34 47.74 9.75
N PRO A 9 5.64 46.43 9.49
CA PRO A 9 6.59 45.76 10.34
C PRO A 9 8.03 46.16 10.02
N LYS A 10 8.96 45.62 10.80
CA LYS A 10 10.36 46.02 10.75
C LYS A 10 11.01 45.79 9.38
N THR A 11 11.86 46.73 8.99
CA THR A 11 12.53 46.71 7.69
C THR A 11 14.00 46.36 7.83
N PHE A 12 14.56 45.97 6.69
CA PHE A 12 15.94 45.49 6.59
C PHE A 12 16.66 46.32 5.52
N GLY A 13 16.69 47.63 5.71
CA GLY A 13 17.30 48.53 4.73
C GLY A 13 16.62 48.48 3.37
N GLU A 14 17.40 48.30 2.31
CA GLU A 14 16.85 48.25 0.93
C GLU A 14 16.05 46.98 0.59
N LEU A 15 16.15 45.94 1.41
CA LEU A 15 15.29 44.75 1.25
C LEU A 15 13.90 44.97 1.84
N LYS A 16 13.74 46.04 2.61
CA LYS A 16 12.47 46.42 3.23
C LYS A 16 11.94 45.25 4.09
N ASN A 17 10.70 44.77 3.87
CA ASN A 17 10.13 43.70 4.69
C ASN A 17 10.39 42.28 4.18
N LEU A 18 10.97 42.14 3.00
CA LEU A 18 11.12 40.81 2.36
C LEU A 18 11.74 39.69 3.22
N PRO A 19 12.78 40.00 4.02
CA PRO A 19 13.35 38.97 4.92
C PRO A 19 12.37 38.38 5.94
N LEU A 20 11.32 39.10 6.30
CA LEU A 20 10.28 38.54 7.17
C LEU A 20 9.56 37.30 6.59
N LEU A 21 9.53 37.19 5.27
CA LEU A 21 9.00 36.00 4.61
C LEU A 21 10.05 34.91 4.37
N ASN A 22 11.29 35.14 4.80
CA ASN A 22 12.33 34.11 4.78
C ASN A 22 12.17 33.22 6.02
N THR A 23 11.17 32.36 5.95
CA THR A 23 10.79 31.48 7.04
C THR A 23 9.94 30.36 6.47
N ASP A 24 9.97 29.20 7.12
CA ASP A 24 9.15 28.07 6.67
C ASP A 24 7.67 28.23 7.07
N LYS A 25 7.35 29.17 7.97
CA LYS A 25 5.95 29.46 8.37
C LYS A 25 5.55 30.92 8.15
N PRO A 26 5.47 31.37 6.87
CA PRO A 26 5.19 32.78 6.58
C PRO A 26 3.79 33.28 7.02
N VAL A 27 2.74 32.48 6.81
CA VAL A 27 1.38 32.87 7.24
C VAL A 27 1.33 33.09 8.75
N GLN A 28 1.86 32.15 9.51
CA GLN A 28 1.92 32.26 10.98
C GLN A 28 2.77 33.47 11.45
N ALA A 29 3.88 33.73 10.75
CA ALA A 29 4.63 35.00 10.94
C ALA A 29 3.78 36.25 10.67
N LEU A 30 3.03 36.22 9.57
CA LEU A 30 2.13 37.34 9.24
C LEU A 30 1.00 37.49 10.26
N MET A 31 0.50 36.39 10.80
CA MET A 31 -0.52 36.44 11.86
C MET A 31 0.03 37.14 13.12
N LYS A 32 1.28 36.83 13.47
CA LYS A 32 1.92 37.45 14.61
C LYS A 32 2.08 38.95 14.37
N ILE A 33 2.53 39.34 13.18
CA ILE A 33 2.62 40.75 12.78
C ILE A 33 1.24 41.43 12.88
N ALA A 34 0.22 40.78 12.33
CA ALA A 34 -1.15 41.27 12.45
C ALA A 34 -1.58 41.50 13.91
N ASP A 35 -1.21 40.57 14.80
CA ASP A 35 -1.52 40.74 16.23
C ASP A 35 -0.87 42.00 16.79
N GLU A 36 0.38 42.24 16.40
CA GLU A 36 1.14 43.43 16.82
C GLU A 36 0.59 44.73 16.24
N LEU A 37 0.28 44.74 14.94
CA LEU A 37 -0.05 45.99 14.23
C LEU A 37 -1.54 46.27 14.00
N GLY A 38 -2.39 45.25 14.15
CA GLY A 38 -3.83 45.41 14.00
C GLY A 38 -4.39 45.04 12.63
N GLU A 39 -5.47 45.72 12.26
CA GLU A 39 -6.31 45.36 11.11
C GLU A 39 -5.72 45.57 9.72
N ILE A 40 -4.68 46.40 9.61
CA ILE A 40 -4.03 46.63 8.34
C ILE A 40 -2.56 46.94 8.53
N PHE A 41 -1.72 46.32 7.72
CA PHE A 41 -0.32 46.73 7.64
C PHE A 41 0.20 46.66 6.23
N LYS A 42 1.14 47.57 5.96
CA LYS A 42 1.84 47.61 4.71
C LYS A 42 2.95 46.60 4.76
N PHE A 43 3.20 45.94 3.62
CA PHE A 43 4.31 45.03 3.46
C PHE A 43 5.03 45.35 2.15
N GLU A 44 6.29 45.80 2.26
CA GLU A 44 7.06 46.19 1.08
C GLU A 44 8.23 45.26 0.81
N ALA A 45 8.53 45.11 -0.48
CA ALA A 45 9.74 44.45 -0.95
C ALA A 45 10.31 45.33 -2.06
N PRO A 46 11.55 45.05 -2.49
CA PRO A 46 12.07 45.85 -3.60
C PRO A 46 11.17 45.75 -4.85
N GLY A 47 10.67 46.90 -5.30
CA GLY A 47 9.77 46.98 -6.46
C GLY A 47 8.32 46.57 -6.25
N ARG A 48 7.94 46.27 -5.00
CA ARG A 48 6.65 45.62 -4.71
C ARG A 48 6.05 46.06 -3.37
N VAL A 49 4.72 46.18 -3.34
CA VAL A 49 3.98 46.47 -2.11
C VAL A 49 2.64 45.75 -2.09
N THR A 50 2.25 45.26 -0.91
CA THR A 50 0.85 44.88 -0.64
C THR A 50 0.44 45.30 0.77
N ARG A 51 -0.85 45.17 1.04
CA ARG A 51 -1.44 45.52 2.32
C ARG A 51 -2.24 44.33 2.85
N TYR A 52 -1.93 43.94 4.08
CA TYR A 52 -2.52 42.76 4.71
C TYR A 52 -3.68 43.20 5.56
N LEU A 53 -4.87 42.66 5.29
CA LEU A 53 -6.08 42.98 6.02
C LEU A 53 -6.46 41.85 6.97
N SER A 54 -6.85 42.22 8.19
CA SER A 54 -7.21 41.25 9.23
C SER A 54 -8.58 41.45 9.89
N SER A 55 -9.24 42.58 9.69
CA SER A 55 -10.53 42.83 10.34
C SER A 55 -11.69 42.67 9.38
N GLN A 56 -12.83 42.23 9.90
CA GLN A 56 -14.05 42.15 9.12
C GLN A 56 -14.51 43.54 8.59
N ARG A 57 -14.25 44.59 9.37
CA ARG A 57 -14.56 45.98 8.98
C ARG A 57 -13.93 46.34 7.63
N LEU A 58 -12.67 45.98 7.45
CA LEU A 58 -11.98 46.27 6.20
C LEU A 58 -12.20 45.20 5.13
N ILE A 59 -12.28 43.95 5.53
CA ILE A 59 -12.42 42.86 4.57
C ILE A 59 -13.80 42.87 3.89
N LYS A 60 -14.84 43.38 4.56
CA LYS A 60 -16.18 43.47 3.91
C LYS A 60 -16.16 44.46 2.73
N GLU A 61 -15.38 45.53 2.85
CA GLU A 61 -15.14 46.46 1.74
C GLU A 61 -14.34 45.82 0.62
N ALA A 62 -13.26 45.12 1.00
CA ALA A 62 -12.43 44.37 0.07
C ALA A 62 -13.20 43.31 -0.72
N CYS A 63 -14.27 42.78 -0.13
CA CYS A 63 -15.11 41.78 -0.76
C CYS A 63 -16.23 42.37 -1.65
N ASP A 64 -16.24 43.69 -1.80
CA ASP A 64 -17.13 44.38 -2.72
C ASP A 64 -16.56 44.20 -4.13
N GLU A 65 -17.24 43.37 -4.92
CA GLU A 65 -16.78 43.02 -6.26
C GLU A 65 -16.83 44.18 -7.27
N SER A 66 -17.61 45.22 -6.99
CA SER A 66 -17.57 46.43 -7.81
C SER A 66 -16.29 47.24 -7.59
N ARG A 67 -15.64 47.07 -6.44
CA ARG A 67 -14.40 47.81 -6.09
C ARG A 67 -13.11 47.01 -6.25
N PHE A 68 -13.17 45.71 -5.98
CA PHE A 68 -11.98 44.84 -6.00
C PHE A 68 -12.26 43.52 -6.72
N ASP A 69 -11.24 43.02 -7.40
CA ASP A 69 -11.30 41.76 -8.14
C ASP A 69 -10.17 40.89 -7.63
N LYS A 70 -10.29 39.58 -7.85
CA LYS A 70 -9.23 38.63 -7.49
C LYS A 70 -7.92 39.03 -8.18
N ASN A 71 -6.85 39.07 -7.39
CA ASN A 71 -5.49 39.27 -7.89
C ASN A 71 -4.74 37.94 -7.81
N LEU A 72 -3.79 37.72 -8.71
CA LEU A 72 -2.89 36.60 -8.61
C LEU A 72 -1.71 37.07 -7.79
N SER A 73 -1.66 36.61 -6.54
CA SER A 73 -0.50 36.75 -5.68
C SER A 73 0.74 36.22 -6.41
N GLN A 74 1.92 36.58 -5.92
CA GLN A 74 3.17 36.09 -6.53
C GLN A 74 3.27 34.56 -6.51
N ALA A 75 2.76 33.93 -5.45
CA ALA A 75 2.73 32.48 -5.35
C ALA A 75 1.90 31.84 -6.46
N LEU A 76 0.68 32.35 -6.63
CA LEU A 76 -0.20 31.89 -7.72
C LEU A 76 0.38 32.16 -9.12
N LYS A 77 1.07 33.28 -9.31
CA LYS A 77 1.76 33.57 -10.58
C LYS A 77 2.79 32.49 -10.94
N PHE A 78 3.46 31.94 -9.94
CA PHE A 78 4.37 30.80 -10.14
C PHE A 78 3.65 29.46 -10.25
N VAL A 79 2.54 29.30 -9.52
CA VAL A 79 1.67 28.12 -9.70
C VAL A 79 1.14 28.09 -11.15
N ARG A 80 0.83 29.27 -11.68
CA ARG A 80 0.34 29.43 -13.06
C ARG A 80 1.26 28.85 -14.14
N ASP A 81 2.57 28.75 -13.86
CA ASP A 81 3.50 28.07 -14.79
C ASP A 81 3.11 26.63 -15.10
N PHE A 82 2.42 25.95 -14.16
CA PHE A 82 1.83 24.63 -14.45
C PHE A 82 0.31 24.50 -14.36
N ALA A 83 -0.36 25.43 -13.67
CA ALA A 83 -1.83 25.47 -13.65
C ALA A 83 -2.44 26.39 -14.73
N GLY A 84 -1.59 27.16 -15.41
CA GLY A 84 -1.98 27.97 -16.56
C GLY A 84 -3.21 28.83 -16.33
N ASP A 85 -4.08 28.92 -17.35
CA ASP A 85 -5.36 29.60 -17.22
C ASP A 85 -6.51 28.68 -16.76
N GLY A 86 -6.19 27.71 -15.88
CA GLY A 86 -7.21 26.96 -15.13
C GLY A 86 -7.98 27.90 -14.21
N LEU A 87 -9.06 27.42 -13.60
CA LEU A 87 -9.95 28.27 -12.81
C LEU A 87 -9.26 29.03 -11.67
N PHE A 88 -8.34 28.37 -10.98
CA PHE A 88 -7.72 28.88 -9.77
C PHE A 88 -6.69 30.00 -10.08
N THR A 89 -5.95 29.84 -11.17
CA THR A 89 -4.86 30.77 -11.53
C THR A 89 -5.16 31.64 -12.76
N SER A 90 -6.43 31.75 -13.13
CA SER A 90 -6.82 32.66 -14.21
C SER A 90 -7.29 34.00 -13.63
N TRP A 91 -7.06 35.06 -14.40
CA TRP A 91 -7.65 36.37 -14.11
C TRP A 91 -9.11 36.31 -14.51
N THR A 92 -9.95 37.04 -13.78
CA THR A 92 -11.39 37.12 -14.04
C THR A 92 -11.72 37.62 -15.48
N HIS A 93 -10.89 38.53 -15.98
CA HIS A 93 -11.03 39.10 -17.33
C HIS A 93 -10.50 38.20 -18.46
N GLU A 94 -9.84 37.08 -18.14
CA GLU A 94 -9.49 36.10 -19.18
C GLU A 94 -10.73 35.33 -19.63
N LYS A 95 -10.84 35.15 -20.94
CA LYS A 95 -11.99 34.50 -21.57
C LYS A 95 -12.21 33.10 -21.00
N ASN A 96 -11.13 32.37 -20.80
CA ASN A 96 -11.20 31.01 -20.24
C ASN A 96 -11.66 30.91 -18.78
N TRP A 97 -11.60 32.00 -18.01
CA TRP A 97 -12.15 31.98 -16.66
C TRP A 97 -13.67 31.79 -16.71
N LYS A 98 -14.36 32.74 -17.33
CA LYS A 98 -15.82 32.74 -17.32
C LYS A 98 -16.39 31.54 -18.09
N LYS A 99 -15.73 31.13 -19.17
CA LYS A 99 -16.13 29.91 -19.89
C LYS A 99 -16.08 28.70 -18.97
N ALA A 100 -14.92 28.47 -18.35
CA ALA A 100 -14.74 27.30 -17.49
C ALA A 100 -15.66 27.35 -16.27
N HIS A 101 -15.81 28.54 -15.69
CA HIS A 101 -16.73 28.80 -14.58
C HIS A 101 -18.16 28.37 -14.95
N ASN A 102 -18.65 28.86 -16.08
CA ASN A 102 -19.98 28.48 -16.57
C ASN A 102 -20.08 26.98 -16.90
N ILE A 103 -19.07 26.45 -17.57
CA ILE A 103 -19.04 25.06 -17.97
C ILE A 103 -18.95 24.08 -16.80
N LEU A 104 -18.23 24.45 -15.73
CA LEU A 104 -17.94 23.52 -14.64
C LEU A 104 -18.86 23.64 -13.42
N LEU A 105 -19.52 24.78 -13.24
CA LEU A 105 -20.49 24.92 -12.14
C LEU A 105 -21.56 23.81 -12.05
N PRO A 106 -22.10 23.33 -13.21
CA PRO A 106 -23.02 22.18 -13.18
C PRO A 106 -22.43 20.88 -12.63
N SER A 107 -21.12 20.70 -12.69
CA SER A 107 -20.44 19.58 -12.05
C SER A 107 -20.49 19.64 -10.51
N PHE A 108 -20.88 20.79 -9.95
CA PHE A 108 -21.10 20.94 -8.51
C PHE A 108 -22.56 21.27 -8.17
N SER A 109 -23.49 20.85 -9.03
CA SER A 109 -24.93 20.95 -8.75
C SER A 109 -25.37 19.91 -7.72
N GLN A 110 -26.56 20.11 -7.17
CA GLN A 110 -27.18 19.17 -6.24
C GLN A 110 -27.19 17.75 -6.83
N GLN A 111 -27.67 17.63 -8.06
CA GLN A 111 -27.71 16.32 -8.74
C GLN A 111 -26.32 15.75 -9.04
N ALA A 112 -25.34 16.62 -9.32
CA ALA A 112 -23.93 16.19 -9.42
C ALA A 112 -23.38 15.63 -8.09
N MET A 113 -23.66 16.29 -6.98
CA MET A 113 -23.14 15.84 -5.67
C MET A 113 -23.73 14.49 -5.26
N LYS A 114 -25.02 14.30 -5.50
CA LYS A 114 -25.65 13.01 -5.27
C LYS A 114 -24.99 11.95 -6.14
N GLY A 115 -24.62 12.33 -7.36
CA GLY A 115 -23.89 11.47 -8.28
C GLY A 115 -22.48 11.09 -7.87
N TYR A 116 -21.78 11.94 -7.12
CA TYR A 116 -20.45 11.60 -6.61
C TYR A 116 -20.46 10.74 -5.34
N HIS A 117 -21.57 10.74 -4.62
CA HIS A 117 -21.65 10.14 -3.28
C HIS A 117 -21.08 8.71 -3.22
N ALA A 118 -21.52 7.85 -4.14
CA ALA A 118 -21.13 6.44 -4.13
C ALA A 118 -19.61 6.25 -4.22
N MET A 119 -18.95 7.06 -5.05
CA MET A 119 -17.50 6.99 -5.20
C MET A 119 -16.74 7.60 -4.03
N MET A 120 -17.30 8.62 -3.37
CA MET A 120 -16.74 9.09 -2.09
C MET A 120 -16.77 7.96 -1.04
N VAL A 121 -17.88 7.25 -0.99
CA VAL A 121 -18.04 6.12 -0.07
C VAL A 121 -17.00 5.02 -0.34
N ASP A 122 -16.75 4.72 -1.62
CA ASP A 122 -15.71 3.76 -2.04
C ASP A 122 -14.37 4.07 -1.37
N ILE A 123 -13.93 5.32 -1.46
CA ILE A 123 -12.64 5.70 -0.90
C ILE A 123 -12.72 5.73 0.62
N ALA A 124 -13.85 6.22 1.17
CA ALA A 124 -14.04 6.26 2.63
C ALA A 124 -14.02 4.87 3.28
N VAL A 125 -14.68 3.91 2.64
CA VAL A 125 -14.63 2.50 3.05
C VAL A 125 -13.19 1.96 3.04
N GLN A 126 -12.41 2.27 2.01
CA GLN A 126 -10.99 1.92 1.98
C GLN A 126 -10.23 2.48 3.20
N LEU A 127 -10.50 3.74 3.58
CA LEU A 127 -9.89 4.32 4.78
C LEU A 127 -10.30 3.56 6.05
N VAL A 128 -11.60 3.33 6.22
CA VAL A 128 -12.09 2.63 7.40
C VAL A 128 -11.49 1.21 7.50
N GLN A 129 -11.40 0.51 6.37
CA GLN A 129 -10.79 -0.82 6.37
C GLN A 129 -9.31 -0.82 6.74
N LYS A 130 -8.55 0.14 6.20
CA LYS A 130 -7.13 0.27 6.56
C LYS A 130 -6.96 0.32 8.07
N TRP A 131 -7.72 1.23 8.70
CA TRP A 131 -7.69 1.40 10.15
C TRP A 131 -8.24 0.22 10.93
N GLU A 132 -9.33 -0.38 10.45
CA GLU A 132 -9.86 -1.62 11.04
C GLU A 132 -8.79 -2.75 11.07
N ARG A 133 -7.93 -2.75 10.06
CA ARG A 133 -6.94 -3.81 9.88
C ARG A 133 -5.59 -3.61 10.59
N LEU A 134 -5.43 -2.49 11.29
CA LEU A 134 -4.19 -2.24 12.02
C LEU A 134 -4.12 -3.16 13.24
N ASN A 135 -2.90 -3.53 13.58
CA ASN A 135 -2.63 -4.35 14.76
C ASN A 135 -2.69 -3.48 16.01
N ALA A 136 -2.74 -4.12 17.17
CA ALA A 136 -2.96 -3.43 18.46
C ALA A 136 -1.94 -2.35 18.76
N ASP A 137 -0.67 -2.61 18.47
CA ASP A 137 0.39 -1.63 18.75
C ASP A 137 0.30 -0.33 17.92
N GLU A 138 -0.30 -0.42 16.73
CA GLU A 138 -0.06 0.55 15.68
C GLU A 138 -0.88 1.84 15.81
N HIS A 139 -0.45 2.84 15.06
CA HIS A 139 -1.06 4.15 15.07
C HIS A 139 -1.31 4.64 13.66
N ILE A 140 -2.03 5.75 13.58
CA ILE A 140 -2.42 6.36 12.31
C ILE A 140 -1.62 7.64 12.09
N GLU A 141 -1.08 7.80 10.88
CA GLU A 141 -0.46 9.05 10.46
C GLU A 141 -1.56 9.88 9.78
N VAL A 142 -2.09 10.86 10.50
CA VAL A 142 -3.37 11.50 10.13
C VAL A 142 -3.32 12.27 8.80
N PRO A 143 -2.48 13.32 8.68
CA PRO A 143 -2.46 14.04 7.40
C PRO A 143 -2.12 13.14 6.19
N GLU A 144 -1.26 12.15 6.42
CA GLU A 144 -0.84 11.23 5.36
C GLU A 144 -2.01 10.39 4.86
N ASP A 145 -2.79 9.81 5.78
CA ASP A 145 -4.00 9.07 5.38
C ASP A 145 -5.11 9.98 4.85
N MET A 146 -5.26 11.19 5.39
CA MET A 146 -6.26 12.12 4.85
C MET A 146 -5.96 12.52 3.40
N THR A 147 -4.68 12.63 3.06
CA THR A 147 -4.24 12.95 1.71
C THR A 147 -4.47 11.78 0.75
N ARG A 148 -4.28 10.55 1.25
CA ARG A 148 -4.62 9.34 0.50
C ARG A 148 -6.09 9.37 0.14
N LEU A 149 -6.94 9.66 1.12
CA LEU A 149 -8.38 9.72 0.90
C LEU A 149 -8.80 10.82 -0.08
N THR A 150 -8.34 12.06 0.14
CA THR A 150 -8.84 13.19 -0.64
C THR A 150 -8.32 13.16 -2.07
N LEU A 151 -7.08 12.75 -2.26
CA LEU A 151 -6.54 12.61 -3.61
C LEU A 151 -7.31 11.52 -4.37
N ASP A 152 -7.50 10.37 -3.73
CA ASP A 152 -8.22 9.28 -4.38
C ASP A 152 -9.66 9.68 -4.69
N THR A 153 -10.28 10.44 -3.80
CA THR A 153 -11.68 10.84 -3.97
C THR A 153 -11.85 11.76 -5.18
N ILE A 154 -10.98 12.76 -5.31
CA ILE A 154 -11.08 13.66 -6.45
C ILE A 154 -10.70 12.93 -7.74
N GLY A 155 -9.66 12.08 -7.68
CA GLY A 155 -9.31 11.20 -8.80
C GLY A 155 -10.47 10.37 -9.32
N LEU A 156 -11.16 9.71 -8.40
CA LEU A 156 -12.26 8.83 -8.78
C LEU A 156 -13.54 9.57 -9.15
N CYS A 157 -14.01 10.46 -8.27
CA CYS A 157 -15.23 11.26 -8.54
C CYS A 157 -15.12 12.15 -9.77
N GLY A 158 -13.97 12.81 -9.94
CA GLY A 158 -13.78 13.76 -11.03
C GLY A 158 -13.34 13.17 -12.37
N PHE A 159 -12.56 12.10 -12.34
CA PHE A 159 -11.87 11.60 -13.54
C PHE A 159 -11.96 10.09 -13.78
N ASN A 160 -12.73 9.39 -12.96
CA ASN A 160 -12.81 7.94 -12.96
C ASN A 160 -11.43 7.27 -13.03
N TYR A 161 -10.47 7.85 -12.31
CA TYR A 161 -9.09 7.38 -12.25
C TYR A 161 -8.76 7.01 -10.81
N ARG A 162 -8.16 5.84 -10.65
CA ARG A 162 -7.81 5.31 -9.34
C ARG A 162 -6.32 5.49 -9.04
N PHE A 163 -6.01 6.46 -8.18
CA PHE A 163 -4.66 6.65 -7.68
C PHE A 163 -4.17 5.48 -6.79
N ASN A 164 -5.11 4.75 -6.17
CA ASN A 164 -4.79 3.60 -5.33
C ASN A 164 -3.78 3.96 -4.22
N SER A 165 -4.03 5.08 -3.54
CA SER A 165 -3.14 5.57 -2.51
C SER A 165 -3.08 4.69 -1.26
N PHE A 166 -4.18 3.99 -0.96
CA PHE A 166 -4.20 3.04 0.15
C PHE A 166 -3.45 1.72 -0.13
N TYR A 167 -3.05 1.49 -1.39
CA TYR A 167 -2.10 0.41 -1.76
C TYR A 167 -0.62 0.84 -1.74
N ARG A 168 -0.32 2.03 -1.22
CA ARG A 168 1.05 2.58 -1.21
C ARG A 168 1.50 2.98 0.20
N ASP A 169 2.76 2.69 0.49
CA ASP A 169 3.47 3.17 1.69
C ASP A 169 3.84 4.63 1.53
N GLN A 170 4.43 4.94 0.38
CA GLN A 170 4.83 6.30 0.05
C GLN A 170 3.63 7.07 -0.49
N PRO A 171 3.71 8.42 -0.50
CA PRO A 171 2.70 9.17 -1.25
C PRO A 171 2.82 8.88 -2.75
N HIS A 172 1.73 9.10 -3.48
CA HIS A 172 1.70 8.94 -4.93
C HIS A 172 2.68 9.94 -5.56
N PRO A 173 3.43 9.55 -6.61
CA PRO A 173 4.47 10.45 -7.16
C PRO A 173 3.98 11.87 -7.52
N PHE A 174 2.73 11.96 -7.97
CA PHE A 174 2.00 13.23 -8.13
C PHE A 174 2.11 14.13 -6.91
N ILE A 175 1.84 13.58 -5.73
CA ILE A 175 1.92 14.34 -4.46
C ILE A 175 3.33 14.88 -4.22
N THR A 176 4.34 14.03 -4.34
CA THR A 176 5.74 14.43 -4.11
C THR A 176 6.22 15.50 -5.08
N SER A 177 5.82 15.40 -6.36
CA SER A 177 6.09 16.46 -7.35
C SER A 177 5.33 17.76 -7.05
N MET A 178 4.04 17.61 -6.74
CA MET A 178 3.17 18.74 -6.39
C MET A 178 3.71 19.53 -5.20
N VAL A 179 4.03 18.80 -4.12
CA VAL A 179 4.60 19.40 -2.91
C VAL A 179 5.90 20.16 -3.24
N ARG A 180 6.76 19.55 -4.06
CA ARG A 180 8.05 20.15 -4.45
C ARG A 180 7.86 21.38 -5.35
N ALA A 181 6.94 21.28 -6.31
CA ALA A 181 6.59 22.40 -7.19
C ALA A 181 5.99 23.59 -6.42
N LEU A 182 5.11 23.31 -5.45
CA LEU A 182 4.50 24.34 -4.61
C LEU A 182 5.48 24.97 -3.62
N ASP A 183 6.42 24.18 -3.10
CA ASP A 183 7.52 24.69 -2.27
C ASP A 183 8.46 25.59 -3.08
N GLU A 184 8.75 25.17 -4.31
CA GLU A 184 9.56 25.95 -5.26
C GLU A 184 8.91 27.30 -5.56
N ALA A 185 7.58 27.33 -5.64
CA ALA A 185 6.82 28.58 -5.79
C ALA A 185 6.90 29.47 -4.53
N MET A 186 6.79 28.86 -3.34
CA MET A 186 6.91 29.60 -2.07
C MET A 186 8.32 30.17 -1.85
N ASN A 187 9.34 29.50 -2.39
CA ASN A 187 10.76 29.91 -2.25
C ASN A 187 11.30 30.78 -3.40
N LYS A 188 10.60 30.82 -4.53
CA LYS A 188 10.90 31.80 -5.60
C LYS A 188 10.66 33.26 -5.14
N LEU A 189 9.84 33.44 -4.12
CA LEU A 189 9.53 34.76 -3.55
C LEU A 189 10.77 35.52 -3.05
N GLN A 190 11.74 34.79 -2.50
CA GLN A 190 12.92 35.38 -1.87
C GLN A 190 14.07 35.77 -2.79
N ARG A 191 14.12 35.18 -3.98
CA ARG A 191 15.34 35.20 -4.81
C ARG A 191 15.56 36.49 -5.60
N ALA A 192 16.48 37.31 -5.11
CA ALA A 192 17.04 38.41 -5.90
C ALA A 192 17.86 37.81 -7.05
N ASN A 193 17.67 38.35 -8.25
CA ASN A 193 18.27 37.82 -9.49
C ASN A 193 17.79 36.37 -9.77
N PRO A 194 16.53 36.20 -10.22
CA PRO A 194 15.99 34.86 -10.56
C PRO A 194 16.77 34.11 -11.64
N ASP A 195 17.34 34.84 -12.60
CA ASP A 195 18.12 34.25 -13.71
C ASP A 195 19.60 33.98 -13.36
N ASP A 196 19.98 34.13 -12.08
CA ASP A 196 21.31 33.79 -11.59
C ASP A 196 21.58 32.29 -11.84
N PRO A 197 22.76 31.95 -12.44
CA PRO A 197 23.15 30.55 -12.67
C PRO A 197 23.03 29.59 -11.48
N ALA A 198 23.12 30.12 -10.25
CA ALA A 198 22.92 29.33 -9.03
C ALA A 198 21.55 28.62 -8.94
N TYR A 199 20.53 29.18 -9.60
CA TYR A 199 19.18 28.59 -9.64
C TYR A 199 18.85 27.79 -10.92
N ASP A 200 19.86 27.37 -11.69
CA ASP A 200 19.65 26.57 -12.90
C ASP A 200 19.04 25.18 -12.59
N GLU A 201 19.52 24.54 -11.53
CA GLU A 201 19.04 23.20 -11.12
C GLU A 201 17.60 23.21 -10.55
N ASN A 202 17.23 24.29 -9.86
CA ASN A 202 15.86 24.47 -9.36
C ASN A 202 14.84 24.58 -10.50
N LYS A 203 15.22 25.26 -11.58
CA LYS A 203 14.40 25.36 -12.79
C LYS A 203 14.24 24.02 -13.51
N ARG A 204 15.30 23.21 -13.54
CA ARG A 204 15.22 21.84 -14.09
C ARG A 204 14.36 20.93 -13.21
N GLN A 205 14.55 21.04 -11.89
CA GLN A 205 13.73 20.34 -10.90
C GLN A 205 12.25 20.75 -10.97
N PHE A 206 12.00 22.03 -11.21
CA PHE A 206 10.64 22.56 -11.37
C PHE A 206 10.00 22.03 -12.65
N GLN A 207 10.76 22.03 -13.75
CA GLN A 207 10.29 21.46 -15.03
C GLN A 207 10.07 19.94 -14.94
N GLU A 208 10.85 19.28 -14.08
CA GLU A 208 10.70 17.84 -13.81
C GLU A 208 9.40 17.52 -13.08
N ASP A 209 9.14 18.24 -11.99
CA ASP A 209 7.91 18.07 -11.22
C ASP A 209 6.64 18.35 -12.03
N ILE A 210 6.71 19.38 -12.87
CA ILE A 210 5.61 19.73 -13.79
C ILE A 210 5.37 18.63 -14.81
N LYS A 211 6.47 18.12 -15.37
CA LYS A 211 6.47 16.95 -16.26
C LYS A 211 5.72 15.76 -15.64
N VAL A 212 6.00 15.46 -14.36
CA VAL A 212 5.36 14.35 -13.65
C VAL A 212 3.83 14.53 -13.53
N MET A 213 3.41 15.74 -13.16
CA MET A 213 1.97 16.06 -13.05
C MET A 213 1.31 15.98 -14.42
N ASN A 214 1.94 16.59 -15.42
CA ASN A 214 1.47 16.55 -16.81
C ASN A 214 1.42 15.13 -17.41
N ASP A 215 2.42 14.29 -17.07
CA ASP A 215 2.42 12.88 -17.50
C ASP A 215 1.15 12.17 -17.00
N LEU A 216 0.79 12.42 -15.76
CA LEU A 216 -0.40 11.83 -15.16
C LEU A 216 -1.71 12.33 -15.78
N VAL A 217 -1.73 13.61 -16.16
CA VAL A 217 -2.86 14.20 -16.88
C VAL A 217 -3.10 13.50 -18.22
N ASP A 218 -2.00 13.12 -18.89
CA ASP A 218 -2.05 12.35 -20.15
C ASP A 218 -2.68 11.00 -19.93
N LYS A 219 -2.26 10.34 -18.84
CA LYS A 219 -2.79 9.04 -18.43
C LYS A 219 -4.31 9.11 -18.17
N ILE A 220 -4.75 10.18 -17.52
CA ILE A 220 -6.18 10.41 -17.26
C ILE A 220 -6.96 10.61 -18.56
N ILE A 221 -6.41 11.44 -19.45
CA ILE A 221 -7.02 11.73 -20.75
C ILE A 221 -7.14 10.46 -21.61
N ALA A 222 -6.06 9.68 -21.68
CA ALA A 222 -6.03 8.45 -22.48
C ALA A 222 -6.95 7.36 -21.93
N ASP A 223 -6.98 7.22 -20.61
CA ASP A 223 -7.95 6.33 -19.93
C ASP A 223 -9.38 6.62 -20.38
N ARG A 224 -9.75 7.90 -20.39
CA ARG A 224 -11.09 8.32 -20.84
C ARG A 224 -11.31 8.12 -22.34
N LYS A 225 -10.29 8.44 -23.13
CA LYS A 225 -10.36 8.35 -24.59
C LYS A 225 -10.66 6.93 -25.09
N ALA A 226 -10.02 5.95 -24.47
CA ALA A 226 -10.21 4.53 -24.77
C ALA A 226 -11.07 3.81 -23.71
N SER A 227 -12.07 4.51 -23.17
CA SER A 227 -12.95 3.97 -22.14
C SER A 227 -14.22 3.40 -22.77
N GLY A 228 -14.59 2.20 -22.33
CA GLY A 228 -15.86 1.59 -22.73
C GLY A 228 -17.04 2.23 -22.02
N GLU A 229 -16.89 2.46 -20.72
CA GLU A 229 -17.94 3.04 -19.89
C GLU A 229 -18.25 4.49 -20.25
N GLN A 230 -19.49 4.89 -20.01
CA GLN A 230 -19.96 6.24 -20.24
C GLN A 230 -20.08 6.95 -18.89
N SER A 231 -19.05 7.73 -18.55
CA SER A 231 -19.03 8.51 -17.32
C SER A 231 -19.93 9.73 -17.44
N ASP A 232 -20.16 10.37 -16.30
CA ASP A 232 -20.88 11.65 -16.26
C ASP A 232 -20.31 12.42 -15.08
N ASP A 233 -19.04 12.77 -15.21
CA ASP A 233 -18.26 13.34 -14.11
C ASP A 233 -17.64 14.67 -14.52
N LEU A 234 -16.70 15.16 -13.73
CA LEU A 234 -16.03 16.43 -14.02
C LEU A 234 -15.37 16.44 -15.42
N LEU A 235 -14.64 15.38 -15.75
CA LEU A 235 -13.98 15.27 -17.04
C LEU A 235 -14.94 15.24 -18.24
N THR A 236 -16.06 14.55 -18.09
CA THR A 236 -17.12 14.57 -19.10
C THR A 236 -17.50 16.02 -19.45
N HIS A 237 -17.72 16.84 -18.42
CA HIS A 237 -18.06 18.26 -18.59
C HIS A 237 -16.94 19.08 -19.22
N MET A 238 -15.69 18.86 -18.78
CA MET A 238 -14.52 19.50 -19.43
C MET A 238 -14.44 19.16 -20.93
N LEU A 239 -14.68 17.89 -21.26
CA LEU A 239 -14.54 17.40 -22.64
C LEU A 239 -15.72 17.77 -23.55
N ASN A 240 -16.95 17.72 -23.03
CA ASN A 240 -18.17 17.93 -23.83
C ASN A 240 -18.85 19.31 -23.67
N GLY A 241 -18.96 19.77 -22.42
CA GLY A 241 -19.84 20.88 -22.03
C GLY A 241 -19.61 22.18 -22.76
N LYS A 242 -20.69 22.92 -23.00
CA LYS A 242 -20.63 24.19 -23.72
C LYS A 242 -21.05 25.34 -22.82
N ASP A 243 -20.29 26.43 -22.85
CA ASP A 243 -20.59 27.64 -22.11
C ASP A 243 -21.86 28.27 -22.71
N PRO A 244 -22.91 28.51 -21.89
CA PRO A 244 -24.11 29.20 -22.38
C PRO A 244 -23.87 30.57 -23.03
N GLU A 245 -22.91 31.35 -22.50
CA GLU A 245 -22.67 32.70 -23.01
C GLU A 245 -22.03 32.68 -24.40
N THR A 246 -20.80 32.18 -24.49
CA THR A 246 -20.07 32.12 -25.77
C THR A 246 -20.56 31.04 -26.72
N GLY A 247 -21.17 29.99 -26.18
CA GLY A 247 -21.55 28.82 -26.95
C GLY A 247 -20.41 27.84 -27.21
N GLU A 248 -19.23 28.12 -26.65
CA GLU A 248 -18.02 27.36 -26.89
C GLU A 248 -17.76 26.34 -25.77
N PRO A 249 -17.07 25.24 -26.10
CA PRO A 249 -16.49 24.34 -25.11
C PRO A 249 -15.06 24.75 -24.80
N LEU A 250 -14.47 24.12 -23.78
CA LEU A 250 -13.06 24.35 -23.45
C LEU A 250 -12.18 23.66 -24.49
N ASP A 251 -11.07 24.30 -24.86
CA ASP A 251 -10.12 23.66 -25.77
C ASP A 251 -9.17 22.73 -24.99
N ASP A 252 -8.32 22.01 -25.72
CA ASP A 252 -7.49 20.96 -25.14
C ASP A 252 -6.46 21.46 -24.15
N GLU A 253 -5.80 22.57 -24.48
CA GLU A 253 -4.80 23.17 -23.60
C GLU A 253 -5.42 23.58 -22.25
N ASN A 254 -6.60 24.21 -22.29
CA ASN A 254 -7.29 24.60 -21.06
C ASN A 254 -7.82 23.41 -20.23
N ILE A 255 -8.40 22.41 -20.90
CA ILE A 255 -8.85 21.16 -20.22
C ILE A 255 -7.72 20.55 -19.36
N ARG A 256 -6.54 20.49 -19.96
CA ARG A 256 -5.32 20.01 -19.31
C ARG A 256 -5.00 20.79 -18.03
N TYR A 257 -5.07 22.12 -18.13
CA TYR A 257 -4.89 22.98 -16.96
C TYR A 257 -5.97 22.73 -15.89
N GLN A 258 -7.22 22.57 -16.32
CA GLN A 258 -8.32 22.30 -15.37
C GLN A 258 -8.11 20.98 -14.61
N ILE A 259 -7.64 19.93 -15.29
CA ILE A 259 -7.39 18.65 -14.63
C ILE A 259 -6.36 18.81 -13.50
N ILE A 260 -5.22 19.42 -13.83
CA ILE A 260 -4.16 19.70 -12.86
C ILE A 260 -4.72 20.52 -11.70
N THR A 261 -5.45 21.56 -12.04
CA THR A 261 -6.01 22.47 -11.05
C THR A 261 -6.92 21.71 -10.09
N PHE A 262 -7.87 20.97 -10.65
CA PHE A 262 -8.82 20.23 -9.83
C PHE A 262 -8.15 19.12 -9.02
N LEU A 263 -7.16 18.42 -9.57
CA LEU A 263 -6.42 17.44 -8.77
C LEU A 263 -5.76 18.08 -7.54
N ILE A 264 -5.19 19.26 -7.70
CA ILE A 264 -4.49 19.94 -6.61
C ILE A 264 -5.47 20.62 -5.65
N ALA A 265 -6.21 21.61 -6.14
CA ALA A 265 -7.24 22.29 -5.36
C ALA A 265 -8.30 21.32 -4.82
N GLY A 266 -8.55 20.25 -5.56
CA GLY A 266 -9.57 19.27 -5.20
C GLY A 266 -9.25 18.26 -4.11
N HIS A 267 -8.03 18.30 -3.56
CA HIS A 267 -7.71 17.43 -2.41
C HIS A 267 -6.93 18.04 -1.24
N GLU A 268 -5.96 18.92 -1.50
CA GLU A 268 -4.96 19.28 -0.49
C GLU A 268 -5.54 20.01 0.73
N THR A 269 -6.32 21.05 0.46
CA THR A 269 -6.98 21.81 1.50
C THR A 269 -8.00 20.96 2.28
N THR A 270 -8.63 20.01 1.58
CA THR A 270 -9.61 19.11 2.21
C THR A 270 -8.94 18.11 3.18
N SER A 271 -7.75 17.62 2.84
N SER A 271 -7.75 17.63 2.83
CA SER A 271 -6.97 16.77 3.74
CA SER A 271 -6.96 16.78 3.72
C SER A 271 -6.56 17.54 4.99
C SER A 271 -6.57 17.54 4.98
N GLY A 272 -6.05 18.76 4.78
CA GLY A 272 -5.80 19.72 5.87
C GLY A 272 -7.00 19.89 6.80
N LEU A 273 -8.18 20.14 6.22
CA LEU A 273 -9.42 20.31 6.99
C LEU A 273 -9.71 19.08 7.87
N LEU A 274 -9.69 17.89 7.29
CA LEU A 274 -9.98 16.67 8.04
C LEU A 274 -8.96 16.45 9.16
N SER A 275 -7.71 16.77 8.89
CA SER A 275 -6.63 16.65 9.86
C SER A 275 -6.79 17.61 11.02
N PHE A 276 -7.03 18.89 10.72
CA PHE A 276 -7.34 19.86 11.75
C PHE A 276 -8.60 19.51 12.53
N ALA A 277 -9.63 19.00 11.84
CA ALA A 277 -10.88 18.66 12.54
C ALA A 277 -10.65 17.55 13.56
N LEU A 278 -9.98 16.47 13.14
CA LEU A 278 -9.66 15.37 14.06
C LEU A 278 -8.73 15.83 15.19
N TYR A 279 -7.75 16.67 14.86
CA TYR A 279 -6.91 17.30 15.88
C TYR A 279 -7.74 18.01 16.95
N PHE A 280 -8.66 18.87 16.54
CA PHE A 280 -9.48 19.61 17.50
C PHE A 280 -10.42 18.69 18.28
N LEU A 281 -10.93 17.64 17.62
CA LEU A 281 -11.78 16.68 18.33
C LEU A 281 -11.04 15.93 19.45
N VAL A 282 -9.85 15.42 19.16
CA VAL A 282 -9.09 14.70 20.19
C VAL A 282 -8.60 15.63 21.31
N LYS A 283 -8.44 16.92 21.03
CA LYS A 283 -8.09 17.91 22.08
C LYS A 283 -9.29 18.43 22.87
N ASN A 284 -10.51 18.10 22.43
CA ASN A 284 -11.73 18.57 23.07
C ASN A 284 -12.71 17.41 23.19
N PRO A 285 -12.51 16.53 24.18
CA PRO A 285 -13.28 15.28 24.25
C PRO A 285 -14.80 15.37 24.37
N HIS A 286 -15.31 16.42 25.01
CA HIS A 286 -16.76 16.64 25.07
C HIS A 286 -17.33 16.92 23.70
N VAL A 287 -16.56 17.64 22.87
CA VAL A 287 -16.97 17.93 21.51
C VAL A 287 -16.93 16.64 20.68
N LEU A 288 -15.85 15.86 20.83
CA LEU A 288 -15.75 14.55 20.18
C LEU A 288 -16.94 13.68 20.54
N GLN A 289 -17.26 13.59 21.83
CA GLN A 289 -18.39 12.78 22.28
C GLN A 289 -19.71 13.21 21.63
N LYS A 290 -19.95 14.53 21.55
CA LYS A 290 -21.15 15.07 20.91
C LYS A 290 -21.23 14.72 19.44
N ALA A 291 -20.09 14.84 18.74
CA ALA A 291 -20.01 14.50 17.33
C ALA A 291 -20.22 13.00 17.11
N ALA A 292 -19.60 12.17 17.96
CA ALA A 292 -19.76 10.72 17.91
C ALA A 292 -21.20 10.28 18.17
N GLU A 293 -21.89 10.96 19.09
CA GLU A 293 -23.30 10.65 19.40
C GLU A 293 -24.18 10.93 18.19
N GLU A 294 -23.89 12.02 17.49
CA GLU A 294 -24.60 12.33 16.25
C GLU A 294 -24.36 11.29 15.17
N ALA A 295 -23.09 10.94 14.95
CA ALA A 295 -22.73 9.93 13.96
C ALA A 295 -23.46 8.59 14.19
N ALA A 296 -23.50 8.15 15.44
CA ALA A 296 -24.18 6.89 15.81
C ALA A 296 -25.71 6.98 15.63
N ARG A 297 -26.29 8.12 15.97
CA ARG A 297 -27.74 8.35 15.80
C ARG A 297 -28.18 8.41 14.33
N VAL A 298 -27.36 9.05 13.50
CA VAL A 298 -27.73 9.35 12.10
C VAL A 298 -27.32 8.23 11.14
N LEU A 299 -26.08 7.75 11.27
CA LEU A 299 -25.54 6.75 10.35
C LEU A 299 -25.95 5.33 10.75
N VAL A 300 -27.24 5.06 10.58
CA VAL A 300 -27.86 3.80 11.01
C VAL A 300 -27.64 2.62 10.03
N ASP A 301 -27.23 2.93 8.80
CA ASP A 301 -27.00 1.90 7.77
C ASP A 301 -25.49 1.64 7.62
N PRO A 302 -25.11 0.47 7.04
CA PRO A 302 -23.67 0.17 6.94
C PRO A 302 -22.90 1.09 5.98
N VAL A 303 -23.63 1.70 5.04
CA VAL A 303 -23.10 2.63 4.06
C VAL A 303 -23.91 3.93 4.22
N PRO A 304 -23.25 5.07 4.50
CA PRO A 304 -24.04 6.31 4.63
C PRO A 304 -24.72 6.73 3.33
N SER A 305 -25.96 7.20 3.44
CA SER A 305 -26.67 7.78 2.30
C SER A 305 -26.33 9.26 2.17
N TYR A 306 -26.51 9.80 0.97
CA TYR A 306 -26.42 11.24 0.73
C TYR A 306 -27.21 12.07 1.73
N LYS A 307 -28.47 11.67 1.95
CA LYS A 307 -29.38 12.35 2.88
C LYS A 307 -28.86 12.32 4.33
N GLN A 308 -28.35 11.17 4.74
CA GLN A 308 -27.76 11.01 6.08
C GLN A 308 -26.58 11.95 6.32
N VAL A 309 -25.70 12.09 5.33
CA VAL A 309 -24.58 13.04 5.44
C VAL A 309 -25.09 14.47 5.66
N LYS A 310 -26.14 14.85 4.93
CA LYS A 310 -26.79 16.15 5.10
C LYS A 310 -27.37 16.36 6.51
N GLN A 311 -27.78 15.29 7.17
CA GLN A 311 -28.30 15.36 8.54
C GLN A 311 -27.21 15.44 9.62
N LEU A 312 -25.92 15.33 9.26
CA LEU A 312 -24.83 15.43 10.23
C LEU A 312 -24.50 16.90 10.53
N LYS A 313 -25.44 17.54 11.22
CA LYS A 313 -25.42 18.96 11.51
C LYS A 313 -24.21 19.37 12.37
N TYR A 314 -24.03 18.67 13.49
CA TYR A 314 -22.92 18.93 14.38
C TYR A 314 -21.55 18.65 13.78
N VAL A 315 -21.42 17.58 13.01
CA VAL A 315 -20.18 17.28 12.29
C VAL A 315 -19.85 18.44 11.35
N GLY A 316 -20.86 18.98 10.67
CA GLY A 316 -20.70 20.18 9.85
C GLY A 316 -20.22 21.38 10.63
N MET A 317 -20.80 21.57 11.82
CA MET A 317 -20.39 22.61 12.76
C MET A 317 -18.93 22.43 13.19
N VAL A 318 -18.53 21.20 13.49
CA VAL A 318 -17.14 20.88 13.81
C VAL A 318 -16.21 21.30 12.66
N LEU A 319 -16.58 20.95 11.42
CA LEU A 319 -15.80 21.31 10.25
C LEU A 319 -15.67 22.81 10.06
N ASN A 320 -16.78 23.54 10.19
CA ASN A 320 -16.73 25.02 10.06
C ASN A 320 -15.85 25.67 11.13
N GLU A 321 -15.91 25.15 12.36
CA GLU A 321 -15.06 25.66 13.45
C GLU A 321 -13.58 25.38 13.20
N ALA A 322 -13.26 24.23 12.62
CA ALA A 322 -11.89 23.91 12.19
C ALA A 322 -11.41 24.85 11.09
N LEU A 323 -12.31 25.13 10.14
CA LEU A 323 -12.07 26.15 9.11
C LEU A 323 -11.96 27.57 9.68
N ARG A 324 -12.71 27.87 10.73
CA ARG A 324 -12.57 29.17 11.38
C ARG A 324 -11.16 29.35 11.91
N LEU A 325 -10.68 28.40 12.69
CA LEU A 325 -9.36 28.51 13.32
C LEU A 325 -8.21 28.34 12.36
N TRP A 326 -8.29 27.31 11.50
CA TRP A 326 -7.18 27.06 10.56
C TRP A 326 -7.67 26.85 9.14
N PRO A 327 -8.11 27.95 8.49
CA PRO A 327 -8.53 27.84 7.10
C PRO A 327 -7.35 27.42 6.24
N THR A 328 -7.50 26.30 5.54
CA THR A 328 -6.35 25.61 4.98
C THR A 328 -5.80 26.22 3.71
N ALA A 329 -6.56 27.11 3.07
CA ALA A 329 -6.02 28.06 2.10
C ALA A 329 -6.10 29.44 2.76
N PRO A 330 -5.06 29.80 3.54
CA PRO A 330 -5.20 30.87 4.54
C PRO A 330 -5.24 32.32 4.03
N ALA A 331 -5.06 32.52 2.73
CA ALA A 331 -5.05 33.86 2.18
C ALA A 331 -5.59 33.90 0.78
N PHE A 332 -6.13 35.04 0.40
CA PHE A 332 -6.36 35.35 -0.99
C PHE A 332 -6.07 36.81 -1.23
N SER A 333 -5.86 37.14 -2.51
CA SER A 333 -5.36 38.45 -2.93
C SER A 333 -6.36 39.18 -3.79
N LEU A 334 -6.39 40.50 -3.65
CA LEU A 334 -7.28 41.38 -4.39
C LEU A 334 -6.52 42.57 -4.94
N TYR A 335 -7.02 43.16 -6.03
CA TYR A 335 -6.54 44.46 -6.54
C TYR A 335 -7.71 45.44 -6.69
N ALA A 336 -7.40 46.73 -6.54
CA ALA A 336 -8.38 47.79 -6.67
C ALA A 336 -8.75 48.00 -8.15
N LYS A 337 -10.04 47.87 -8.47
CA LYS A 337 -10.53 48.06 -9.85
C LYS A 337 -10.42 49.53 -10.29
N GLU A 338 -10.69 50.43 -9.36
CA GLU A 338 -10.53 51.88 -9.55
C GLU A 338 -9.95 52.47 -8.26
N ASP A 339 -9.56 53.75 -8.33
CA ASP A 339 -9.17 54.52 -7.15
C ASP A 339 -10.30 54.45 -6.15
N THR A 340 -9.97 54.16 -4.90
CA THR A 340 -10.99 54.00 -3.86
C THR A 340 -10.36 54.26 -2.50
N VAL A 341 -11.21 54.52 -1.51
CA VAL A 341 -10.75 54.75 -0.14
C VAL A 341 -11.23 53.61 0.74
N LEU A 342 -10.29 52.92 1.38
CA LEU A 342 -10.59 51.79 2.24
C LEU A 342 -10.78 52.26 3.68
N GLY A 343 -11.96 51.94 4.23
CA GLY A 343 -12.26 52.19 5.64
C GLY A 343 -12.46 53.66 6.00
N GLY A 344 -12.66 54.51 5.00
CA GLY A 344 -12.66 55.96 5.17
C GLY A 344 -11.31 56.58 5.51
N GLU A 345 -10.24 55.77 5.52
CA GLU A 345 -8.93 56.18 6.06
C GLU A 345 -7.72 55.93 5.16
N TYR A 346 -7.77 54.88 4.34
CA TYR A 346 -6.61 54.41 3.58
C TYR A 346 -6.88 54.55 2.09
N PRO A 347 -6.33 55.60 1.45
CA PRO A 347 -6.60 55.78 0.03
C PRO A 347 -5.81 54.80 -0.83
N LEU A 348 -6.46 54.24 -1.84
CA LEU A 348 -5.86 53.26 -2.73
C LEU A 348 -6.03 53.73 -4.16
N GLU A 349 -5.00 53.46 -4.97
CA GLU A 349 -5.05 53.76 -6.38
C GLU A 349 -5.35 52.49 -7.16
N LYS A 350 -5.86 52.68 -8.38
CA LYS A 350 -6.17 51.58 -9.28
C LYS A 350 -4.98 50.63 -9.38
N GLY A 351 -5.25 49.34 -9.20
CA GLY A 351 -4.20 48.32 -9.26
C GLY A 351 -3.50 48.00 -7.96
N ASP A 352 -3.72 48.77 -6.89
CA ASP A 352 -3.12 48.49 -5.59
C ASP A 352 -3.64 47.16 -5.04
N GLU A 353 -2.73 46.39 -4.46
CA GLU A 353 -3.04 45.03 -4.01
C GLU A 353 -3.38 44.92 -2.53
N LEU A 354 -4.23 43.95 -2.21
CA LEU A 354 -4.56 43.60 -0.83
C LEU A 354 -4.40 42.10 -0.62
N MET A 355 -3.90 41.70 0.55
CA MET A 355 -3.96 40.32 1.01
C MET A 355 -4.96 40.19 2.15
N VAL A 356 -5.88 39.23 2.03
CA VAL A 356 -6.82 38.91 3.09
C VAL A 356 -6.20 37.80 3.90
N LEU A 357 -5.89 38.10 5.16
CA LEU A 357 -5.31 37.12 6.07
C LEU A 357 -6.45 36.40 6.79
N ILE A 358 -6.91 35.29 6.22
CA ILE A 358 -8.17 34.66 6.67
C ILE A 358 -8.12 34.22 8.16
N PRO A 359 -7.02 33.59 8.61
CA PRO A 359 -6.99 33.19 10.01
C PRO A 359 -7.16 34.36 10.98
N GLN A 360 -6.69 35.55 10.59
CA GLN A 360 -6.89 36.74 11.40
C GLN A 360 -8.31 37.27 11.36
N LEU A 361 -8.91 37.33 10.16
CA LEU A 361 -10.35 37.65 10.04
C LEU A 361 -11.18 36.79 11.00
N HIS A 362 -10.86 35.50 11.02
CA HIS A 362 -11.56 34.52 11.82
C HIS A 362 -11.31 34.61 13.34
N ARG A 363 -10.38 35.48 13.73
CA ARG A 363 -10.11 35.79 15.15
C ARG A 363 -10.50 37.23 15.51
N ASP A 364 -11.31 37.87 14.68
CA ASP A 364 -11.78 39.25 14.93
C ASP A 364 -12.76 39.24 16.13
N LYS A 365 -12.32 39.82 17.24
CA LYS A 365 -13.07 39.76 18.49
C LYS A 365 -14.38 40.54 18.44
N THR A 366 -14.46 41.57 17.60
CA THR A 366 -15.70 42.35 17.48
C THR A 366 -16.81 41.51 16.84
N ILE A 367 -16.42 40.51 16.04
CA ILE A 367 -17.36 39.58 15.42
C ILE A 367 -17.60 38.36 16.30
N TRP A 368 -16.52 37.74 16.76
CA TRP A 368 -16.62 36.40 17.38
C TRP A 368 -16.67 36.37 18.91
N GLY A 369 -16.39 37.50 19.55
CA GLY A 369 -16.27 37.54 21.02
C GLY A 369 -14.83 37.37 21.45
N ASP A 370 -14.59 37.34 22.76
N ASP A 370 -14.63 37.36 22.77
CA ASP A 370 -13.22 37.30 23.31
CA ASP A 370 -13.31 37.27 23.42
C ASP A 370 -12.55 35.92 23.27
C ASP A 370 -12.58 35.95 23.18
N ASP A 371 -13.34 34.86 23.23
CA ASP A 371 -12.81 33.48 23.25
C ASP A 371 -12.40 32.88 21.88
N VAL A 372 -11.77 33.67 21.01
CA VAL A 372 -11.56 33.27 19.61
C VAL A 372 -10.64 32.07 19.40
N GLU A 373 -9.73 31.83 20.36
CA GLU A 373 -8.84 30.67 20.29
C GLU A 373 -9.49 29.35 20.69
N GLU A 374 -10.64 29.41 21.34
CA GLU A 374 -11.31 28.19 21.77
C GLU A 374 -12.06 27.52 20.61
N PHE A 375 -11.99 26.18 20.58
CA PHE A 375 -12.72 25.38 19.61
C PHE A 375 -14.13 25.16 20.14
N ARG A 376 -15.09 25.89 19.61
CA ARG A 376 -16.49 25.78 20.01
C ARG A 376 -17.37 25.72 18.77
N PRO A 377 -17.72 24.49 18.31
CA PRO A 377 -18.59 24.30 17.14
C PRO A 377 -19.96 24.94 17.24
N GLU A 378 -20.40 25.22 18.47
CA GLU A 378 -21.70 25.82 18.75
C GLU A 378 -21.87 27.25 18.20
N ARG A 379 -20.74 27.93 17.93
CA ARG A 379 -20.73 29.19 17.15
C ARG A 379 -21.51 29.12 15.84
N PHE A 380 -21.50 27.95 15.22
CA PHE A 380 -22.18 27.66 13.98
C PHE A 380 -23.57 26.98 14.11
N GLU A 381 -24.16 27.05 15.30
CA GLU A 381 -25.54 26.57 15.55
C GLU A 381 -26.51 27.06 14.48
N ASN A 382 -26.48 28.38 14.22
CA ASN A 382 -27.18 28.99 13.09
C ASN A 382 -26.15 29.79 12.29
N PRO A 383 -25.68 29.24 11.15
CA PRO A 383 -24.70 29.92 10.30
C PRO A 383 -25.16 31.27 9.75
N SER A 384 -26.48 31.45 9.62
CA SER A 384 -27.07 32.73 9.21
C SER A 384 -26.82 33.88 10.18
N ALA A 385 -26.56 33.58 11.45
CA ALA A 385 -26.16 34.60 12.43
C ALA A 385 -24.83 35.31 12.14
N ILE A 386 -23.96 34.66 11.37
CA ILE A 386 -22.63 35.20 11.10
C ILE A 386 -22.77 36.37 10.11
N PRO A 387 -22.19 37.55 10.45
CA PRO A 387 -22.28 38.68 9.52
C PRO A 387 -21.64 38.42 8.17
N GLN A 388 -22.04 39.22 7.18
CA GLN A 388 -21.51 39.07 5.84
C GLN A 388 -19.99 39.33 5.88
N HIS A 389 -19.25 38.49 5.16
CA HIS A 389 -17.78 38.59 5.02
C HIS A 389 -16.98 38.39 6.32
N ALA A 390 -17.58 37.72 7.30
CA ALA A 390 -16.90 37.40 8.56
C ALA A 390 -16.19 36.04 8.56
N PHE A 391 -16.68 35.11 7.75
CA PHE A 391 -16.21 33.74 7.70
C PHE A 391 -16.00 33.44 6.23
N LYS A 392 -14.73 33.44 5.80
CA LYS A 392 -14.39 33.34 4.40
C LYS A 392 -13.34 32.26 4.06
N PRO A 393 -13.49 31.04 4.60
CA PRO A 393 -12.52 30.00 4.26
C PRO A 393 -12.56 29.55 2.78
N PHE A 394 -13.65 29.85 2.07
CA PHE A 394 -13.76 29.51 0.65
C PHE A 394 -13.67 30.72 -0.27
N GLY A 395 -13.08 31.81 0.23
CA GLY A 395 -12.86 33.02 -0.56
C GLY A 395 -14.14 33.83 -0.79
N ASN A 396 -14.19 34.54 -1.91
CA ASN A 396 -15.17 35.59 -2.10
C ASN A 396 -15.80 35.64 -3.47
N GLY A 397 -17.13 35.76 -3.46
CA GLY A 397 -17.90 36.19 -4.61
C GLY A 397 -17.85 35.21 -5.77
N GLN A 398 -17.73 35.74 -6.98
CA GLN A 398 -17.69 34.88 -8.16
C GLN A 398 -16.37 34.11 -8.26
N ARG A 399 -15.34 34.58 -7.54
CA ARG A 399 -14.07 33.87 -7.45
C ARG A 399 -13.93 32.99 -6.19
N ALA A 400 -15.04 32.67 -5.54
CA ALA A 400 -15.03 31.76 -4.41
C ALA A 400 -14.78 30.32 -4.86
N CYS A 401 -14.46 29.47 -3.89
CA CYS A 401 -14.26 28.06 -4.15
C CYS A 401 -15.43 27.42 -4.89
N ILE A 402 -15.20 26.98 -6.12
CA ILE A 402 -16.18 26.19 -6.86
C ILE A 402 -16.49 24.82 -6.19
N GLY A 403 -15.48 24.25 -5.53
CA GLY A 403 -15.58 22.94 -4.89
C GLY A 403 -15.96 22.91 -3.42
N GLN A 404 -16.38 24.05 -2.86
CA GLN A 404 -16.84 24.12 -1.47
C GLN A 404 -17.78 22.98 -1.04
N GLN A 405 -18.84 22.77 -1.81
CA GLN A 405 -19.86 21.77 -1.42
C GLN A 405 -19.34 20.33 -1.53
N PHE A 406 -18.41 20.12 -2.48
CA PHE A 406 -17.71 18.86 -2.67
C PHE A 406 -16.83 18.57 -1.45
N ALA A 407 -15.98 19.54 -1.12
CA ALA A 407 -15.10 19.45 0.03
C ALA A 407 -15.89 19.15 1.29
N LEU A 408 -16.99 19.86 1.50
CA LEU A 408 -17.75 19.73 2.75
C LEU A 408 -18.55 18.42 2.82
N HIS A 409 -19.07 17.95 1.69
CA HIS A 409 -19.74 16.66 1.66
C HIS A 409 -18.79 15.52 1.97
N GLU A 410 -17.64 15.52 1.30
CA GLU A 410 -16.60 14.52 1.51
C GLU A 410 -16.13 14.51 2.95
N ALA A 411 -15.84 15.68 3.48
CA ALA A 411 -15.30 15.81 4.85
C ALA A 411 -16.34 15.40 5.91
N THR A 412 -17.60 15.75 5.67
CA THR A 412 -18.68 15.37 6.59
C THR A 412 -18.91 13.85 6.56
N LEU A 413 -18.95 13.26 5.36
CA LEU A 413 -19.08 11.81 5.18
C LEU A 413 -17.96 11.07 5.90
N VAL A 414 -16.72 11.47 5.64
CA VAL A 414 -15.57 10.74 6.13
C VAL A 414 -15.46 10.86 7.64
N LEU A 415 -15.58 12.08 8.15
CA LEU A 415 -15.51 12.31 9.59
C LEU A 415 -16.66 11.60 10.33
N GLY A 416 -17.86 11.65 9.77
CA GLY A 416 -19.01 10.87 10.27
C GLY A 416 -18.72 9.38 10.38
N MET A 417 -18.19 8.79 9.32
CA MET A 417 -17.79 7.38 9.32
C MET A 417 -16.69 7.08 10.35
N MET A 418 -15.68 7.94 10.39
CA MET A 418 -14.60 7.84 11.37
C MET A 418 -15.13 7.81 12.81
N LEU A 419 -16.08 8.70 13.11
CA LEU A 419 -16.65 8.82 14.45
C LEU A 419 -17.62 7.69 14.79
N LYS A 420 -18.27 7.14 13.78
CA LYS A 420 -19.13 5.97 13.97
C LYS A 420 -18.29 4.72 14.30
N HIS A 421 -17.16 4.54 13.62
CA HIS A 421 -16.43 3.27 13.65
C HIS A 421 -15.31 3.16 14.68
N PHE A 422 -14.79 4.29 15.17
CA PHE A 422 -13.60 4.30 16.04
C PHE A 422 -13.71 5.25 17.22
N ASP A 423 -13.10 4.86 18.35
CA ASP A 423 -12.71 5.79 19.40
C ASP A 423 -11.27 6.16 19.12
N PHE A 424 -10.91 7.40 19.40
CA PHE A 424 -9.59 7.92 19.05
C PHE A 424 -8.82 8.33 20.29
N GLU A 425 -7.52 8.05 20.28
CA GLU A 425 -6.65 8.39 21.40
C GLU A 425 -5.54 9.30 20.90
N ASP A 426 -5.36 10.43 21.57
CA ASP A 426 -4.21 11.33 21.34
C ASP A 426 -3.05 10.76 22.16
N HIS A 427 -2.50 9.64 21.69
CA HIS A 427 -1.58 8.83 22.48
C HIS A 427 -0.24 9.48 22.76
N THR A 428 0.21 10.40 21.90
CA THR A 428 1.46 11.15 22.12
C THR A 428 1.30 12.54 22.76
N ASN A 429 0.07 12.93 23.10
N ASN A 429 0.06 12.93 23.07
CA ASN A 429 -0.27 14.31 23.51
CA ASN A 429 -0.26 14.29 23.50
C ASN A 429 0.33 15.30 22.51
C ASN A 429 0.32 15.30 22.52
N TYR A 430 -0.07 15.15 21.25
CA TYR A 430 0.50 15.90 20.12
C TYR A 430 0.50 17.41 20.31
N GLU A 431 1.66 18.02 20.09
CA GLU A 431 1.83 19.47 20.15
C GLU A 431 1.67 19.97 18.73
N LEU A 432 0.66 20.83 18.53
CA LEU A 432 0.30 21.29 17.20
C LEU A 432 1.49 21.96 16.53
N ASP A 433 1.84 21.47 15.34
CA ASP A 433 2.92 22.02 14.55
C ASP A 433 2.41 22.15 13.11
N ILE A 434 2.22 23.38 12.66
CA ILE A 434 1.56 23.65 11.39
C ILE A 434 2.57 23.88 10.28
N LYS A 435 2.64 22.91 9.35
CA LYS A 435 3.50 22.99 8.17
C LYS A 435 2.80 23.83 7.10
N GLU A 436 3.57 24.68 6.45
CA GLU A 436 3.05 25.59 5.41
C GLU A 436 3.66 25.26 4.06
N THR A 437 2.80 25.03 3.07
CA THR A 437 3.23 24.78 1.69
C THR A 437 2.27 25.56 0.79
N LEU A 438 2.15 26.86 1.06
CA LEU A 438 0.98 27.64 0.65
C LEU A 438 -0.21 27.26 1.54
N THR A 439 -0.71 26.01 1.41
CA THR A 439 -1.72 25.48 2.34
C THR A 439 -1.15 25.09 3.73
N LEU A 440 -2.06 24.85 4.68
CA LEU A 440 -1.71 24.52 6.07
C LEU A 440 -2.12 23.10 6.45
N LYS A 441 -1.25 22.42 7.21
CA LYS A 441 -1.45 21.07 7.72
C LYS A 441 -0.80 20.89 9.10
N PRO A 442 -1.42 20.09 9.98
CA PRO A 442 -0.76 19.71 11.24
C PRO A 442 0.27 18.56 11.07
N GLU A 443 1.52 18.93 10.79
CA GLU A 443 2.61 17.97 10.60
C GLU A 443 2.87 17.08 11.82
N GLY A 444 3.08 15.79 11.55
CA GLY A 444 3.35 14.79 12.58
C GLY A 444 2.15 14.40 13.44
N PHE A 445 0.95 14.83 13.06
CA PHE A 445 -0.24 14.52 13.84
C PHE A 445 -0.55 13.02 13.72
N VAL A 446 -0.55 12.34 14.86
CA VAL A 446 -0.76 10.90 14.94
C VAL A 446 -1.77 10.60 16.02
N VAL A 447 -2.55 9.53 15.81
CA VAL A 447 -3.51 9.04 16.82
C VAL A 447 -3.53 7.52 16.81
N LYS A 448 -4.17 6.96 17.83
CA LYS A 448 -4.56 5.56 17.82
C LYS A 448 -6.07 5.48 17.69
N ALA A 449 -6.53 4.50 16.93
CA ALA A 449 -7.95 4.29 16.69
C ALA A 449 -8.35 2.91 17.16
N LYS A 450 -9.19 2.86 18.18
CA LYS A 450 -9.71 1.61 18.71
C LYS A 450 -11.03 1.38 18.03
N SER A 451 -11.13 0.28 17.29
CA SER A 451 -12.34 -0.05 16.57
C SER A 451 -13.46 -0.32 17.54
N LYS A 452 -14.60 0.34 17.33
CA LYS A 452 -15.85 -0.01 18.00
C LYS A 452 -16.48 -1.32 17.45
N LYS A 453 -15.94 -1.84 16.34
CA LYS A 453 -16.32 -3.15 15.75
C LYS A 453 -17.76 -3.16 15.23
N ILE A 454 -17.99 -2.33 14.22
CA ILE A 454 -19.28 -2.23 13.53
C ILE A 454 -19.05 -2.57 12.04
N PRO A 455 -19.88 -3.46 11.44
CA PRO A 455 -19.61 -3.90 10.06
C PRO A 455 -19.97 -2.85 9.00
N LEU A 456 -19.31 -2.95 7.85
CA LEU A 456 -19.49 -2.02 6.73
C LEU A 456 -20.51 -2.54 5.70
N LYS B 4 32.72 -48.85 -8.44
CA LYS B 4 31.77 -48.37 -9.52
C LYS B 4 32.25 -47.13 -10.32
N GLU B 5 32.97 -46.22 -9.66
CA GLU B 5 33.51 -45.00 -10.28
C GLU B 5 32.35 -44.09 -10.70
N MET B 6 31.61 -43.65 -9.69
CA MET B 6 30.35 -42.92 -9.85
C MET B 6 30.53 -41.64 -10.68
N PRO B 7 29.56 -41.32 -11.55
CA PRO B 7 29.65 -40.06 -12.28
C PRO B 7 29.82 -38.84 -11.38
N GLN B 8 30.53 -37.83 -11.88
CA GLN B 8 30.89 -36.67 -11.09
C GLN B 8 31.19 -35.50 -12.02
N PRO B 9 30.62 -34.30 -11.75
CA PRO B 9 30.85 -33.16 -12.63
C PRO B 9 32.29 -32.63 -12.53
N LYS B 10 32.59 -31.63 -13.35
CA LYS B 10 33.94 -31.06 -13.45
C LYS B 10 34.45 -30.47 -12.14
N THR B 11 35.77 -30.51 -11.94
CA THR B 11 36.42 -30.08 -10.71
C THR B 11 37.31 -28.84 -10.85
N PHE B 12 37.61 -28.23 -9.71
CA PHE B 12 38.33 -26.98 -9.61
C PHE B 12 39.53 -27.15 -8.68
N GLY B 13 40.35 -28.16 -8.95
CA GLY B 13 41.50 -28.46 -8.12
C GLY B 13 41.09 -28.99 -6.75
N GLU B 14 41.71 -28.45 -5.71
CA GLU B 14 41.42 -28.86 -4.32
C GLU B 14 40.06 -28.38 -3.82
N LEU B 15 39.46 -27.40 -4.50
CA LEU B 15 38.07 -27.00 -4.26
C LEU B 15 37.04 -28.02 -4.76
N LYS B 16 37.48 -28.96 -5.60
CA LYS B 16 36.66 -30.07 -6.12
C LYS B 16 35.46 -29.50 -6.87
N ASN B 17 34.23 -29.85 -6.49
CA ASN B 17 33.04 -29.37 -7.20
C ASN B 17 32.43 -28.09 -6.64
N LEU B 18 32.92 -27.62 -5.49
CA LEU B 18 32.31 -26.46 -4.80
C LEU B 18 31.98 -25.24 -5.68
N PRO B 19 32.96 -24.78 -6.50
CA PRO B 19 32.64 -23.59 -7.32
C PRO B 19 31.50 -23.77 -8.34
N LEU B 20 31.05 -24.98 -8.60
CA LEU B 20 29.80 -25.20 -9.37
C LEU B 20 28.55 -24.56 -8.71
N LEU B 21 28.59 -24.43 -7.39
CA LEU B 21 27.53 -23.75 -6.64
C LEU B 21 27.73 -22.23 -6.54
N ASN B 22 28.87 -21.72 -7.02
CA ASN B 22 29.11 -20.26 -7.13
C ASN B 22 28.34 -19.71 -8.34
N THR B 23 27.02 -19.68 -8.17
CA THR B 23 26.07 -19.25 -9.18
C THR B 23 24.81 -18.84 -8.43
N ASP B 24 24.04 -17.92 -9.00
CA ASP B 24 22.74 -17.57 -8.39
C ASP B 24 21.61 -18.57 -8.73
N LYS B 25 21.88 -19.55 -9.60
CA LYS B 25 20.89 -20.59 -9.93
C LYS B 25 21.44 -22.03 -9.75
N PRO B 26 21.79 -22.41 -8.49
CA PRO B 26 22.43 -23.70 -8.24
C PRO B 26 21.55 -24.93 -8.54
N VAL B 27 20.25 -24.88 -8.23
CA VAL B 27 19.35 -26.01 -8.52
C VAL B 27 19.25 -26.29 -10.02
N GLN B 28 19.08 -25.22 -10.80
CA GLN B 28 19.06 -25.31 -12.26
C GLN B 28 20.41 -25.80 -12.85
N ALA B 29 21.52 -25.38 -12.26
CA ALA B 29 22.86 -25.91 -12.63
C ALA B 29 22.98 -27.40 -12.33
N LEU B 30 22.52 -27.80 -11.14
CA LEU B 30 22.46 -29.22 -10.75
C LEU B 30 21.55 -30.07 -11.65
N MET B 31 20.45 -29.49 -12.13
CA MET B 31 19.56 -30.17 -13.07
C MET B 31 20.25 -30.45 -14.42
N LYS B 32 20.98 -29.46 -14.92
CA LYS B 32 21.76 -29.63 -16.15
C LYS B 32 22.82 -30.72 -15.96
N ILE B 33 23.52 -30.70 -14.82
CA ILE B 33 24.47 -31.76 -14.50
C ILE B 33 23.75 -33.12 -14.49
N ALA B 34 22.58 -33.19 -13.84
CA ALA B 34 21.80 -34.44 -13.80
C ALA B 34 21.45 -34.97 -15.20
N ASP B 35 21.07 -34.08 -16.12
CA ASP B 35 20.79 -34.50 -17.50
C ASP B 35 22.04 -35.08 -18.18
N GLU B 36 23.19 -34.47 -17.91
CA GLU B 36 24.48 -34.93 -18.45
C GLU B 36 24.94 -36.28 -17.86
N LEU B 37 24.84 -36.40 -16.54
CA LEU B 37 25.43 -37.54 -15.82
C LEU B 37 24.45 -38.65 -15.42
N GLY B 38 23.14 -38.37 -15.44
CA GLY B 38 22.14 -39.40 -15.18
C GLY B 38 21.57 -39.44 -13.76
N GLU B 39 21.15 -40.64 -13.35
CA GLU B 39 20.35 -40.83 -12.12
C GLU B 39 21.07 -40.56 -10.79
N ILE B 40 22.39 -40.63 -10.80
CA ILE B 40 23.17 -40.35 -9.60
C ILE B 40 24.50 -39.73 -9.99
N PHE B 41 24.92 -38.70 -9.26
CA PHE B 41 26.30 -38.22 -9.32
C PHE B 41 26.81 -37.80 -7.94
N LYS B 42 28.11 -37.92 -7.77
CA LYS B 42 28.79 -37.49 -6.55
C LYS B 42 29.11 -36.01 -6.68
N PHE B 43 29.06 -35.30 -5.57
CA PHE B 43 29.43 -33.89 -5.52
C PHE B 43 30.33 -33.72 -4.31
N GLU B 44 31.55 -33.23 -4.54
CA GLU B 44 32.56 -33.08 -3.49
C GLU B 44 32.95 -31.64 -3.27
N ALA B 45 33.11 -31.28 -2.00
CA ALA B 45 33.70 -30.01 -1.59
C ALA B 45 34.82 -30.34 -0.60
N PRO B 46 35.62 -29.33 -0.18
CA PRO B 46 36.64 -29.64 0.83
C PRO B 46 36.00 -30.20 2.11
N GLY B 47 36.36 -31.43 2.45
CA GLY B 47 35.83 -32.08 3.65
C GLY B 47 34.36 -32.53 3.68
N ARG B 48 33.65 -32.42 2.56
CA ARG B 48 32.29 -33.00 2.46
C ARG B 48 31.97 -33.54 1.08
N VAL B 49 31.03 -34.49 1.09
CA VAL B 49 30.56 -35.17 -0.09
C VAL B 49 29.06 -35.44 0.04
N THR B 50 28.35 -35.34 -1.07
CA THR B 50 26.98 -35.85 -1.17
C THR B 50 26.76 -36.49 -2.53
N ARG B 51 25.63 -37.17 -2.66
CA ARG B 51 25.23 -37.82 -3.88
C ARG B 51 23.85 -37.29 -4.29
N TYR B 52 23.76 -36.78 -5.52
CA TYR B 52 22.51 -36.22 -6.04
C TYR B 52 21.74 -37.27 -6.79
N LEU B 53 20.50 -37.52 -6.35
CA LEU B 53 19.63 -38.53 -6.94
C LEU B 53 18.54 -37.91 -7.81
N SER B 54 18.28 -38.53 -8.97
CA SER B 54 17.36 -37.98 -9.96
C SER B 54 16.30 -38.92 -10.50
N SER B 55 16.45 -40.23 -10.27
CA SER B 55 15.52 -41.21 -10.83
C SER B 55 14.58 -41.69 -9.75
N GLN B 56 13.36 -42.05 -10.14
CA GLN B 56 12.40 -42.66 -9.23
C GLN B 56 12.92 -43.96 -8.62
N ARG B 57 13.63 -44.74 -9.41
CA ARG B 57 14.25 -46.01 -8.97
C ARG B 57 15.07 -45.84 -7.68
N LEU B 58 15.99 -44.89 -7.69
CA LEU B 58 16.86 -44.64 -6.55
C LEU B 58 16.18 -43.85 -5.43
N ILE B 59 15.32 -42.91 -5.80
CA ILE B 59 14.64 -42.06 -4.83
C ILE B 59 13.63 -42.86 -4.00
N LYS B 60 12.94 -43.80 -4.65
CA LYS B 60 12.06 -44.77 -3.97
C LYS B 60 12.78 -45.48 -2.80
N GLU B 61 14.03 -45.90 -3.05
CA GLU B 61 14.85 -46.53 -2.00
C GLU B 61 15.28 -45.54 -0.94
N ALA B 62 15.72 -44.35 -1.36
CA ALA B 62 16.10 -43.29 -0.43
C ALA B 62 14.95 -42.87 0.51
N CYS B 63 13.73 -43.03 0.03
CA CYS B 63 12.53 -42.72 0.81
C CYS B 63 12.08 -43.83 1.77
N ASP B 64 12.87 -44.91 1.85
CA ASP B 64 12.66 -45.99 2.82
C ASP B 64 13.14 -45.50 4.18
N GLU B 65 12.19 -45.21 5.06
CA GLU B 65 12.48 -44.65 6.38
C GLU B 65 13.23 -45.58 7.34
N SER B 66 13.14 -46.88 7.13
CA SER B 66 13.98 -47.84 7.87
C SER B 66 15.49 -47.70 7.52
N ARG B 67 15.78 -47.21 6.31
CA ARG B 67 17.15 -47.08 5.81
C ARG B 67 17.75 -45.67 5.81
N PHE B 68 16.89 -44.66 5.63
CA PHE B 68 17.34 -43.26 5.53
C PHE B 68 16.42 -42.32 6.32
N ASP B 69 17.02 -41.30 6.93
CA ASP B 69 16.33 -40.30 7.72
C ASP B 69 16.64 -38.94 7.12
N LYS B 70 15.80 -37.94 7.41
CA LYS B 70 16.03 -36.57 6.98
C LYS B 70 17.40 -36.07 7.46
N ASN B 71 18.15 -35.49 6.54
CA ASN B 71 19.39 -34.79 6.83
C ASN B 71 19.18 -33.27 6.75
N LEU B 72 19.92 -32.54 7.54
CA LEU B 72 19.99 -31.10 7.38
C LEU B 72 21.11 -30.86 6.38
N SER B 73 20.74 -30.43 5.19
CA SER B 73 21.70 -29.98 4.19
C SER B 73 22.49 -28.79 4.76
N GLN B 74 23.56 -28.42 4.08
CA GLN B 74 24.35 -27.27 4.53
C GLN B 74 23.49 -25.99 4.58
N ALA B 75 22.59 -25.83 3.62
CA ALA B 75 21.65 -24.70 3.61
C ALA B 75 20.79 -24.66 4.86
N LEU B 76 20.17 -25.80 5.19
CA LEU B 76 19.34 -25.89 6.39
C LEU B 76 20.11 -25.70 7.70
N LYS B 77 21.35 -26.17 7.76
CA LYS B 77 22.19 -25.93 8.95
C LYS B 77 22.42 -24.44 9.19
N PHE B 78 22.48 -23.65 8.11
CA PHE B 78 22.57 -22.20 8.23
C PHE B 78 21.20 -21.56 8.53
N VAL B 79 20.14 -22.07 7.91
CA VAL B 79 18.76 -21.63 8.25
C VAL B 79 18.48 -21.86 9.75
N ARG B 80 19.00 -22.97 10.29
CA ARG B 80 18.89 -23.33 11.71
C ARG B 80 19.44 -22.27 12.68
N ASP B 81 20.39 -21.45 12.24
CA ASP B 81 20.85 -20.29 13.04
C ASP B 81 19.70 -19.39 13.48
N PHE B 82 18.63 -19.30 12.69
CA PHE B 82 17.42 -18.58 13.12
C PHE B 82 16.14 -19.41 13.29
N ALA B 83 16.06 -20.58 12.65
CA ALA B 83 14.89 -21.49 12.82
C ALA B 83 15.09 -22.56 13.91
N GLY B 84 16.31 -22.63 14.47
CA GLY B 84 16.64 -23.50 15.61
C GLY B 84 16.16 -24.93 15.46
N ASP B 85 15.54 -25.47 16.52
CA ASP B 85 14.90 -26.79 16.47
C ASP B 85 13.38 -26.70 16.23
N GLY B 86 12.98 -25.69 15.44
CA GLY B 86 11.66 -25.70 14.78
C GLY B 86 11.51 -26.96 13.91
N LEU B 87 10.29 -27.23 13.47
CA LEU B 87 9.99 -28.47 12.75
C LEU B 87 10.80 -28.68 11.48
N PHE B 88 11.09 -27.60 10.77
CA PHE B 88 11.77 -27.70 9.48
C PHE B 88 13.26 -28.02 9.63
N THR B 89 13.89 -27.49 10.66
CA THR B 89 15.35 -27.58 10.82
C THR B 89 15.78 -28.41 12.03
N SER B 90 14.88 -29.23 12.57
CA SER B 90 15.20 -30.16 13.64
C SER B 90 15.53 -31.54 13.07
N TRP B 91 16.39 -32.26 13.77
CA TRP B 91 16.67 -33.65 13.44
C TRP B 91 15.52 -34.48 13.99
N THR B 92 15.18 -35.57 13.31
CA THR B 92 14.09 -36.46 13.73
C THR B 92 14.26 -36.99 15.16
N HIS B 93 15.51 -37.23 15.56
CA HIS B 93 15.86 -37.77 16.89
C HIS B 93 15.93 -36.72 18.02
N GLU B 94 15.83 -35.43 17.68
CA GLU B 94 15.72 -34.38 18.70
C GLU B 94 14.31 -34.43 19.28
N LYS B 95 14.25 -34.36 20.61
CA LYS B 95 13.00 -34.48 21.35
C LYS B 95 11.93 -33.52 20.85
N ASN B 96 12.35 -32.29 20.53
CA ASN B 96 11.43 -31.25 20.07
C ASN B 96 10.79 -31.49 18.69
N TRP B 97 11.37 -32.36 17.85
CA TRP B 97 10.74 -32.64 16.57
C TRP B 97 9.39 -33.33 16.79
N LYS B 98 9.43 -34.52 17.38
CA LYS B 98 8.23 -35.36 17.52
C LYS B 98 7.17 -34.70 18.39
N LYS B 99 7.63 -34.07 19.46
CA LYS B 99 6.80 -33.27 20.36
C LYS B 99 6.00 -32.19 19.62
N ALA B 100 6.70 -31.36 18.87
CA ALA B 100 6.05 -30.28 18.08
C ALA B 100 5.19 -30.83 16.95
N HIS B 101 5.65 -31.90 16.31
CA HIS B 101 4.87 -32.57 15.28
C HIS B 101 3.53 -33.05 15.85
N ASN B 102 3.56 -33.71 17.01
CA ASN B 102 2.33 -34.21 17.63
C ASN B 102 1.41 -33.08 18.05
N ILE B 103 1.97 -32.02 18.63
CA ILE B 103 1.21 -30.87 19.07
C ILE B 103 0.55 -30.11 17.90
N LEU B 104 1.25 -30.01 16.78
CA LEU B 104 0.82 -29.13 15.68
C LEU B 104 0.10 -29.84 14.53
N LEU B 105 0.17 -31.18 14.45
CA LEU B 105 -0.52 -31.91 13.39
C LEU B 105 -2.04 -31.64 13.33
N PRO B 106 -2.74 -31.56 14.49
CA PRO B 106 -4.18 -31.20 14.48
C PRO B 106 -4.51 -29.78 13.97
N SER B 107 -3.53 -28.89 13.99
CA SER B 107 -3.69 -27.58 13.37
C SER B 107 -3.66 -27.60 11.82
N PHE B 108 -3.35 -28.75 11.22
CA PHE B 108 -3.29 -28.91 9.75
C PHE B 108 -4.19 -30.00 9.18
N SER B 109 -5.16 -30.47 9.96
CA SER B 109 -6.19 -31.39 9.49
C SER B 109 -7.21 -30.64 8.64
N GLN B 110 -8.06 -31.39 7.94
CA GLN B 110 -9.12 -30.76 7.14
C GLN B 110 -10.18 -30.07 8.02
N GLN B 111 -10.35 -30.53 9.27
CA GLN B 111 -11.21 -29.83 10.23
C GLN B 111 -10.64 -28.45 10.61
N ALA B 112 -9.31 -28.38 10.73
CA ALA B 112 -8.62 -27.11 10.95
C ALA B 112 -8.71 -26.19 9.73
N MET B 113 -8.60 -26.75 8.52
CA MET B 113 -8.73 -25.98 7.28
C MET B 113 -10.08 -25.28 7.18
N LYS B 114 -11.15 -25.97 7.57
CA LYS B 114 -12.50 -25.37 7.59
C LYS B 114 -12.54 -24.12 8.47
N GLY B 115 -11.79 -24.15 9.57
CA GLY B 115 -11.64 -23.01 10.46
C GLY B 115 -10.74 -21.90 9.94
N TYR B 116 -9.73 -22.24 9.15
CA TYR B 116 -8.89 -21.22 8.48
C TYR B 116 -9.52 -20.54 7.26
N HIS B 117 -10.50 -21.18 6.64
CA HIS B 117 -11.02 -20.79 5.32
C HIS B 117 -11.43 -19.31 5.23
N ALA B 118 -12.18 -18.85 6.22
CA ALA B 118 -12.71 -17.47 6.23
C ALA B 118 -11.60 -16.43 6.16
N MET B 119 -10.53 -16.65 6.92
CA MET B 119 -9.38 -15.74 6.90
C MET B 119 -8.56 -15.81 5.60
N MET B 120 -8.52 -16.98 4.96
CA MET B 120 -7.92 -17.10 3.62
C MET B 120 -8.70 -16.27 2.62
N VAL B 121 -10.03 -16.35 2.70
CA VAL B 121 -10.91 -15.54 1.85
C VAL B 121 -10.67 -14.04 2.06
N ASP B 122 -10.51 -13.63 3.32
CA ASP B 122 -10.23 -12.23 3.67
C ASP B 122 -9.05 -11.70 2.85
N ILE B 123 -7.94 -12.42 2.84
CA ILE B 123 -6.75 -11.97 2.10
C ILE B 123 -6.97 -12.08 0.60
N ALA B 124 -7.63 -13.16 0.18
CA ALA B 124 -7.88 -13.40 -1.25
C ALA B 124 -8.72 -12.26 -1.84
N VAL B 125 -9.76 -11.84 -1.12
CA VAL B 125 -10.60 -10.70 -1.51
C VAL B 125 -9.79 -9.40 -1.64
N GLN B 126 -8.87 -9.15 -0.72
CA GLN B 126 -7.94 -8.01 -0.85
C GLN B 126 -7.11 -8.09 -2.13
N LEU B 127 -6.65 -9.29 -2.49
CA LEU B 127 -5.99 -9.49 -3.78
C LEU B 127 -6.87 -9.12 -4.97
N VAL B 128 -8.07 -9.70 -5.00
CA VAL B 128 -9.02 -9.45 -6.09
C VAL B 128 -9.40 -7.97 -6.16
N GLN B 129 -9.60 -7.32 -5.02
CA GLN B 129 -9.90 -5.89 -5.01
C GLN B 129 -8.76 -5.06 -5.57
N LYS B 130 -7.52 -5.39 -5.22
CA LYS B 130 -6.38 -4.67 -5.76
C LYS B 130 -6.40 -4.69 -7.29
N TRP B 131 -6.57 -5.88 -7.85
CA TRP B 131 -6.58 -6.05 -9.30
C TRP B 131 -7.79 -5.40 -9.99
N GLU B 132 -8.97 -5.50 -9.38
CA GLU B 132 -10.17 -4.81 -9.89
C GLU B 132 -9.95 -3.29 -9.98
N ARG B 133 -9.13 -2.75 -9.08
CA ARG B 133 -8.96 -1.31 -8.94
C ARG B 133 -7.81 -0.75 -9.76
N LEU B 134 -7.12 -1.59 -10.54
CA LEU B 134 -6.11 -1.12 -11.45
C LEU B 134 -6.74 -0.36 -12.62
N ASN B 135 -6.01 0.63 -13.12
CA ASN B 135 -6.43 1.41 -14.29
C ASN B 135 -6.07 0.65 -15.56
N ALA B 136 -6.58 1.12 -16.69
CA ALA B 136 -6.43 0.47 -18.01
C ALA B 136 -4.98 0.21 -18.41
N ASP B 137 -4.10 1.19 -18.25
CA ASP B 137 -2.69 1.02 -18.65
C ASP B 137 -1.94 -0.13 -17.93
N GLU B 138 -2.35 -0.40 -16.69
CA GLU B 138 -1.50 -1.03 -15.70
C GLU B 138 -1.44 -2.55 -15.77
N HIS B 139 -0.42 -3.10 -15.12
CA HIS B 139 -0.16 -4.53 -15.09
C HIS B 139 0.07 -5.00 -13.66
N ILE B 140 0.21 -6.31 -13.53
CA ILE B 140 0.38 -6.97 -12.23
C ILE B 140 1.79 -7.55 -12.15
N GLU B 141 2.44 -7.35 -11.01
CA GLU B 141 3.71 -7.99 -10.73
C GLU B 141 3.37 -9.26 -9.96
N VAL B 142 3.45 -10.41 -10.63
CA VAL B 142 2.82 -11.66 -10.13
C VAL B 142 3.44 -12.22 -8.83
N PRO B 143 4.75 -12.56 -8.85
CA PRO B 143 5.32 -13.11 -7.60
C PRO B 143 5.24 -12.16 -6.40
N GLU B 144 5.36 -10.86 -6.69
CA GLU B 144 5.23 -9.82 -5.68
C GLU B 144 3.84 -9.84 -5.03
N ASP B 145 2.79 -9.88 -5.84
CA ASP B 145 1.43 -9.95 -5.29
C ASP B 145 1.07 -11.28 -4.64
N MET B 146 1.59 -12.39 -5.19
CA MET B 146 1.38 -13.70 -4.59
C MET B 146 2.04 -13.79 -3.21
N THR B 147 3.21 -13.16 -3.07
CA THR B 147 3.91 -13.09 -1.79
C THR B 147 3.15 -12.24 -0.77
N ARG B 148 2.57 -11.13 -1.22
CA ARG B 148 1.71 -10.30 -0.37
C ARG B 148 0.57 -11.17 0.17
N LEU B 149 -0.06 -11.93 -0.72
CA LEU B 149 -1.15 -12.80 -0.33
C LEU B 149 -0.73 -13.93 0.63
N THR B 150 0.32 -14.67 0.29
CA THR B 150 0.65 -15.86 1.09
C THR B 150 1.20 -15.52 2.47
N LEU B 151 1.99 -14.46 2.56
CA LEU B 151 2.48 -13.97 3.85
C LEU B 151 1.33 -13.51 4.73
N ASP B 152 0.47 -12.66 4.18
CA ASP B 152 -0.69 -12.18 4.92
C ASP B 152 -1.58 -13.33 5.39
N THR B 153 -1.73 -14.35 4.55
CA THR B 153 -2.60 -15.49 4.86
C THR B 153 -2.07 -16.30 6.05
N ILE B 154 -0.76 -16.61 6.03
CA ILE B 154 -0.17 -17.35 7.16
C ILE B 154 -0.17 -16.48 8.42
N GLY B 155 0.11 -15.20 8.25
CA GLY B 155 0.05 -14.23 9.35
C GLY B 155 -1.30 -14.21 10.05
N LEU B 156 -2.36 -14.11 9.25
CA LEU B 156 -3.71 -13.99 9.79
C LEU B 156 -4.29 -15.33 10.29
N CYS B 157 -4.20 -16.36 9.46
CA CYS B 157 -4.73 -17.69 9.80
C CYS B 157 -4.01 -18.32 10.96
N GLY B 158 -2.68 -18.14 10.98
CA GLY B 158 -1.84 -18.81 11.96
C GLY B 158 -1.70 -18.08 13.28
N PHE B 159 -1.63 -16.74 13.22
CA PHE B 159 -1.21 -15.90 14.35
C PHE B 159 -2.11 -14.69 14.64
N ASN B 160 -3.25 -14.60 13.95
CA ASN B 160 -4.18 -13.45 14.04
C ASN B 160 -3.46 -12.10 13.95
N TYR B 161 -2.47 -12.04 13.06
CA TYR B 161 -1.64 -10.86 12.89
C TYR B 161 -1.73 -10.42 11.41
N ARG B 162 -2.00 -9.14 11.21
CA ARG B 162 -2.10 -8.55 9.87
C ARG B 162 -0.81 -7.87 9.44
N PHE B 163 -0.10 -8.51 8.52
CA PHE B 163 1.06 -7.88 7.89
C PHE B 163 0.64 -6.70 7.00
N ASN B 164 -0.60 -6.69 6.54
CA ASN B 164 -1.11 -5.58 5.71
C ASN B 164 -0.23 -5.30 4.47
N SER B 165 0.20 -6.37 3.81
CA SER B 165 1.09 -6.29 2.65
C SER B 165 0.49 -5.56 1.42
N PHE B 166 -0.83 -5.63 1.29
CA PHE B 166 -1.55 -4.90 0.22
C PHE B 166 -1.71 -3.40 0.48
N TYR B 167 -1.34 -2.93 1.68
CA TYR B 167 -1.26 -1.50 1.98
C TYR B 167 0.16 -0.94 1.76
N ARG B 168 1.03 -1.72 1.13
CA ARG B 168 2.47 -1.41 1.03
C ARG B 168 2.98 -1.45 -0.42
N ASP B 169 3.98 -0.61 -0.68
CA ASP B 169 4.61 -0.48 -2.01
C ASP B 169 5.65 -1.56 -2.20
N GLN B 170 6.62 -1.56 -1.28
CA GLN B 170 7.72 -2.51 -1.28
C GLN B 170 7.29 -3.70 -0.44
N PRO B 171 8.07 -4.80 -0.48
CA PRO B 171 7.74 -5.90 0.42
C PRO B 171 7.84 -5.50 1.90
N HIS B 172 7.12 -6.24 2.75
CA HIS B 172 7.17 -6.03 4.20
C HIS B 172 8.61 -6.20 4.70
N PRO B 173 9.02 -5.42 5.75
CA PRO B 173 10.36 -5.58 6.35
C PRO B 173 10.81 -7.03 6.61
N PHE B 174 9.92 -7.83 7.18
CA PHE B 174 10.11 -9.27 7.36
C PHE B 174 10.62 -9.97 6.10
N ILE B 175 9.91 -9.80 4.99
CA ILE B 175 10.24 -10.44 3.71
C ILE B 175 11.65 -10.05 3.22
N THR B 176 11.95 -8.76 3.25
CA THR B 176 13.27 -8.26 2.81
C THR B 176 14.42 -8.81 3.66
N SER B 177 14.20 -8.90 4.98
CA SER B 177 15.16 -9.52 5.91
C SER B 177 15.28 -11.02 5.64
N MET B 178 14.13 -11.69 5.61
CA MET B 178 14.05 -13.12 5.30
C MET B 178 14.81 -13.44 4.01
N VAL B 179 14.51 -12.72 2.94
CA VAL B 179 15.16 -12.93 1.63
C VAL B 179 16.68 -12.79 1.73
N ARG B 180 17.14 -11.76 2.45
CA ARG B 180 18.59 -11.52 2.64
C ARG B 180 19.26 -12.58 3.52
N ALA B 181 18.54 -13.05 4.55
CA ALA B 181 19.03 -14.15 5.40
C ALA B 181 19.17 -15.48 4.64
N LEU B 182 18.17 -15.78 3.80
CA LEU B 182 18.18 -17.00 2.98
C LEU B 182 19.17 -16.92 1.80
N ASP B 183 19.34 -15.71 1.26
CA ASP B 183 20.39 -15.46 0.27
C ASP B 183 21.77 -15.58 0.92
N GLU B 184 21.91 -15.07 2.14
CA GLU B 184 23.13 -15.21 2.95
C GLU B 184 23.41 -16.70 3.27
N ALA B 185 22.36 -17.46 3.55
CA ALA B 185 22.48 -18.92 3.75
C ALA B 185 22.94 -19.64 2.48
N MET B 186 22.43 -19.21 1.33
CA MET B 186 22.87 -19.75 0.02
C MET B 186 24.30 -19.32 -0.31
N ASN B 187 24.63 -18.05 -0.04
CA ASN B 187 25.97 -17.50 -0.32
C ASN B 187 27.09 -17.99 0.63
N LYS B 188 26.74 -18.42 1.84
CA LYS B 188 27.74 -18.90 2.83
C LYS B 188 28.46 -20.20 2.43
N LEU B 189 27.91 -20.94 1.47
CA LEU B 189 28.45 -22.22 1.03
C LEU B 189 29.86 -22.14 0.41
N GLN B 190 30.17 -21.03 -0.26
CA GLN B 190 31.42 -20.88 -1.04
C GLN B 190 32.63 -20.31 -0.29
N ARG B 191 32.45 -19.91 0.97
CA ARG B 191 33.48 -19.17 1.72
C ARG B 191 34.49 -20.08 2.43
N ALA B 192 35.77 -20.00 2.02
CA ALA B 192 36.85 -20.80 2.60
C ALA B 192 37.20 -20.35 4.02
N ASN B 193 37.39 -19.05 4.18
CA ASN B 193 37.61 -18.42 5.49
C ASN B 193 36.34 -17.67 5.94
N PRO B 194 35.40 -18.35 6.62
CA PRO B 194 34.15 -17.68 7.05
C PRO B 194 34.34 -16.53 8.05
N ASP B 195 35.42 -16.58 8.85
CA ASP B 195 35.78 -15.46 9.75
C ASP B 195 36.88 -14.54 9.19
N ASP B 196 36.95 -14.45 7.86
CA ASP B 196 37.78 -13.45 7.17
C ASP B 196 37.18 -12.05 7.45
N PRO B 197 38.03 -11.01 7.62
CA PRO B 197 37.51 -9.67 7.94
C PRO B 197 36.58 -9.00 6.90
N ALA B 198 36.62 -9.46 5.65
CA ALA B 198 35.67 -8.98 4.61
C ALA B 198 34.21 -9.34 4.93
N TYR B 199 34.00 -10.51 5.54
CA TYR B 199 32.66 -10.99 5.88
C TYR B 199 32.11 -10.50 7.22
N ASP B 200 32.85 -9.63 7.92
CA ASP B 200 32.34 -8.97 9.13
C ASP B 200 31.10 -8.11 8.89
N GLU B 201 30.97 -7.57 7.67
CA GLU B 201 29.73 -6.88 7.25
C GLU B 201 28.60 -7.87 6.95
N ASN B 202 28.94 -8.97 6.27
CA ASN B 202 27.99 -10.06 6.01
C ASN B 202 27.45 -10.69 7.32
N LYS B 203 28.33 -10.87 8.30
CA LYS B 203 27.93 -11.34 9.65
C LYS B 203 27.05 -10.34 10.41
N ARG B 204 27.27 -9.05 10.20
CA ARG B 204 26.47 -7.99 10.82
C ARG B 204 25.04 -7.99 10.26
N GLN B 205 24.93 -7.98 8.94
CA GLN B 205 23.63 -7.98 8.25
C GLN B 205 22.80 -9.23 8.50
N PHE B 206 23.45 -10.38 8.61
CA PHE B 206 22.78 -11.64 8.95
C PHE B 206 22.18 -11.55 10.35
N GLN B 207 22.96 -11.07 11.32
CA GLN B 207 22.47 -10.84 12.68
C GLN B 207 21.40 -9.74 12.75
N GLU B 208 21.54 -8.72 11.90
CA GLU B 208 20.53 -7.66 11.78
C GLU B 208 19.20 -8.21 11.25
N ASP B 209 19.27 -9.05 10.23
CA ASP B 209 18.07 -9.70 9.68
C ASP B 209 17.42 -10.72 10.62
N ILE B 210 18.22 -11.33 11.50
CA ILE B 210 17.68 -12.18 12.57
C ILE B 210 16.91 -11.32 13.58
N LYS B 211 17.45 -10.15 13.90
CA LYS B 211 16.82 -9.21 14.83
C LYS B 211 15.42 -8.79 14.35
N VAL B 212 15.34 -8.38 13.08
CA VAL B 212 14.06 -8.00 12.43
C VAL B 212 13.01 -9.10 12.59
N MET B 213 13.40 -10.35 12.29
CA MET B 213 12.48 -11.49 12.36
C MET B 213 12.05 -11.79 13.80
N ASN B 214 12.99 -11.76 14.74
CA ASN B 214 12.68 -11.97 16.16
C ASN B 214 11.83 -10.85 16.78
N ASP B 215 12.07 -9.61 16.36
CA ASP B 215 11.25 -8.46 16.80
C ASP B 215 9.78 -8.64 16.40
N LEU B 216 9.57 -9.09 15.17
CA LEU B 216 8.23 -9.42 14.69
C LEU B 216 7.59 -10.54 15.52
N VAL B 217 8.35 -11.61 15.78
CA VAL B 217 7.87 -12.75 16.56
C VAL B 217 7.39 -12.35 17.94
N ASP B 218 8.27 -11.65 18.67
N ASP B 218 8.24 -11.65 18.69
CA ASP B 218 7.98 -11.10 20.01
CA ASP B 218 7.87 -11.22 20.05
C ASP B 218 6.75 -10.20 20.01
C ASP B 218 6.74 -10.17 20.04
N LYS B 219 6.58 -9.46 18.92
CA LYS B 219 5.40 -8.60 18.71
C LYS B 219 4.12 -9.42 18.46
N ILE B 220 4.22 -10.53 17.72
CA ILE B 220 3.11 -11.48 17.58
C ILE B 220 2.73 -12.11 18.92
N ILE B 221 3.74 -12.44 19.73
CA ILE B 221 3.55 -12.95 21.10
C ILE B 221 2.86 -11.89 21.95
N ALA B 222 3.31 -10.63 21.82
CA ALA B 222 2.71 -9.48 22.52
C ALA B 222 1.27 -9.21 22.09
N ASP B 223 1.03 -9.15 20.77
CA ASP B 223 -0.33 -9.06 20.21
C ASP B 223 -1.29 -10.11 20.77
N ARG B 224 -0.80 -11.35 20.96
CA ARG B 224 -1.62 -12.44 21.49
C ARG B 224 -1.86 -12.32 22.99
N LYS B 225 -0.78 -12.14 23.75
CA LYS B 225 -0.86 -12.03 25.21
C LYS B 225 -1.65 -10.77 25.59
N ALA B 226 -2.63 -10.94 26.47
CA ALA B 226 -3.61 -9.88 26.78
C ALA B 226 -4.32 -9.41 25.50
N SER B 227 -5.16 -10.31 24.97
CA SER B 227 -5.99 -10.04 23.80
C SER B 227 -7.40 -10.55 24.05
N GLY B 228 -8.39 -9.70 23.81
CA GLY B 228 -9.80 -10.08 23.92
C GLY B 228 -10.24 -11.07 22.86
N GLU B 229 -9.63 -10.98 21.67
CA GLU B 229 -9.81 -11.98 20.61
C GLU B 229 -9.23 -13.33 21.04
N GLN B 230 -10.10 -14.20 21.54
CA GLN B 230 -9.73 -15.58 21.88
C GLN B 230 -9.74 -16.42 20.60
N SER B 231 -8.54 -16.78 20.13
CA SER B 231 -8.37 -17.53 18.89
C SER B 231 -8.35 -19.03 19.15
N ASP B 232 -8.43 -19.79 18.07
CA ASP B 232 -8.24 -21.24 18.09
C ASP B 232 -7.34 -21.59 16.90
N ASP B 233 -6.18 -20.93 16.85
CA ASP B 233 -5.30 -20.95 15.69
C ASP B 233 -3.94 -21.61 16.00
N LEU B 234 -3.01 -21.53 15.06
CA LEU B 234 -1.68 -22.16 15.21
C LEU B 234 -0.97 -21.73 16.49
N LEU B 235 -0.99 -20.43 16.78
CA LEU B 235 -0.34 -19.89 17.97
C LEU B 235 -0.99 -20.35 19.28
N THR B 236 -2.31 -20.47 19.29
CA THR B 236 -3.05 -21.01 20.43
C THR B 236 -2.50 -22.40 20.80
N HIS B 237 -2.43 -23.28 19.80
CA HIS B 237 -1.87 -24.63 19.97
C HIS B 237 -0.41 -24.64 20.41
N MET B 238 0.43 -23.78 19.81
CA MET B 238 1.83 -23.65 20.25
C MET B 238 1.91 -23.30 21.75
N LEU B 239 1.05 -22.36 22.19
CA LEU B 239 1.07 -21.86 23.57
C LEU B 239 0.45 -22.81 24.61
N ASN B 240 -0.66 -23.46 24.25
CA ASN B 240 -1.46 -24.28 25.18
C ASN B 240 -1.39 -25.79 24.99
N GLY B 241 -1.04 -26.24 23.79
CA GLY B 241 -1.15 -27.65 23.43
C GLY B 241 -0.11 -28.51 24.13
N LYS B 242 -0.51 -29.74 24.48
CA LYS B 242 0.37 -30.73 25.10
C LYS B 242 0.58 -31.91 24.15
N ASP B 243 1.83 -32.33 24.00
CA ASP B 243 2.17 -33.53 23.26
C ASP B 243 1.53 -34.75 23.97
N PRO B 244 0.64 -35.50 23.28
CA PRO B 244 0.05 -36.69 23.92
C PRO B 244 1.05 -37.74 24.39
N GLU B 245 2.22 -37.84 23.71
CA GLU B 245 3.22 -38.83 24.06
C GLU B 245 3.99 -38.49 25.33
N THR B 246 4.67 -37.36 25.33
CA THR B 246 5.45 -36.92 26.50
C THR B 246 4.59 -36.24 27.56
N GLY B 247 3.41 -35.75 27.17
CA GLY B 247 2.59 -34.95 28.08
C GLY B 247 3.06 -33.51 28.24
N GLU B 248 4.10 -33.12 27.49
CA GLU B 248 4.75 -31.82 27.63
C GLU B 248 4.28 -30.83 26.56
N PRO B 249 4.13 -29.55 26.95
CA PRO B 249 3.96 -28.49 25.95
C PRO B 249 5.31 -28.02 25.41
N LEU B 250 5.28 -27.24 24.34
CA LEU B 250 6.50 -26.60 23.83
C LEU B 250 6.94 -25.51 24.80
N ASP B 251 8.25 -25.38 25.00
CA ASP B 251 8.76 -24.25 25.79
C ASP B 251 8.85 -22.96 24.96
N ASP B 252 9.05 -21.84 25.64
CA ASP B 252 9.06 -20.52 25.01
C ASP B 252 10.03 -20.42 23.84
N GLU B 253 11.25 -20.94 24.01
CA GLU B 253 12.29 -20.85 22.98
C GLU B 253 11.90 -21.61 21.71
N ASN B 254 11.41 -22.83 21.86
CA ASN B 254 10.91 -23.59 20.72
C ASN B 254 9.70 -22.92 20.05
N ILE B 255 8.80 -22.32 20.84
CA ILE B 255 7.68 -21.55 20.27
C ILE B 255 8.20 -20.46 19.30
N ARG B 256 9.21 -19.70 19.74
CA ARG B 256 9.82 -18.64 18.89
C ARG B 256 10.21 -19.26 17.55
N TYR B 257 10.93 -20.37 17.63
CA TYR B 257 11.43 -21.06 16.45
C TYR B 257 10.32 -21.52 15.52
N GLN B 258 9.23 -22.05 16.08
CA GLN B 258 8.10 -22.49 15.27
C GLN B 258 7.45 -21.32 14.54
N ILE B 259 7.23 -20.20 15.23
CA ILE B 259 6.63 -19.01 14.63
C ILE B 259 7.44 -18.57 13.41
N ILE B 260 8.76 -18.50 13.57
CA ILE B 260 9.65 -18.10 12.48
C ILE B 260 9.57 -19.12 11.34
N THR B 261 9.63 -20.41 11.68
CA THR B 261 9.57 -21.49 10.71
C THR B 261 8.29 -21.40 9.90
N PHE B 262 7.18 -21.28 10.61
CA PHE B 262 5.87 -21.23 10.00
C PHE B 262 5.65 -19.97 9.16
N LEU B 263 6.12 -18.81 9.62
CA LEU B 263 6.04 -17.60 8.80
C LEU B 263 6.82 -17.75 7.49
N ILE B 264 7.97 -18.41 7.54
CA ILE B 264 8.81 -18.58 6.35
C ILE B 264 8.28 -19.69 5.45
N ALA B 265 8.23 -20.91 6.01
CA ALA B 265 7.78 -22.08 5.25
C ALA B 265 6.30 -22.01 4.91
N GLY B 266 5.54 -21.27 5.71
CA GLY B 266 4.10 -21.11 5.52
C GLY B 266 3.64 -20.18 4.41
N HIS B 267 4.57 -19.48 3.75
CA HIS B 267 4.21 -18.62 2.61
C HIS B 267 5.07 -18.70 1.32
N GLU B 268 6.39 -18.82 1.44
CA GLU B 268 7.28 -18.55 0.32
C GLU B 268 7.10 -19.54 -0.83
N THR B 269 7.17 -20.82 -0.52
CA THR B 269 6.91 -21.87 -1.50
C THR B 269 5.49 -21.76 -2.09
N THR B 270 4.51 -21.33 -1.29
CA THR B 270 3.12 -21.19 -1.78
C THR B 270 2.99 -20.04 -2.79
N SER B 271 3.68 -18.92 -2.54
N SER B 271 3.68 -18.93 -2.54
CA SER B 271 3.73 -17.83 -3.53
CA SER B 271 3.74 -17.83 -3.51
C SER B 271 4.37 -18.29 -4.85
C SER B 271 4.36 -18.30 -4.84
N GLY B 272 5.44 -19.06 -4.74
CA GLY B 272 6.10 -19.65 -5.92
C GLY B 272 5.15 -20.55 -6.71
N LEU B 273 4.43 -21.41 -6.01
CA LEU B 273 3.44 -22.28 -6.63
C LEU B 273 2.43 -21.48 -7.43
N LEU B 274 1.79 -20.52 -6.80
CA LEU B 274 0.76 -19.72 -7.49
C LEU B 274 1.31 -18.98 -8.71
N SER B 275 2.53 -18.45 -8.54
CA SER B 275 3.24 -17.78 -9.62
C SER B 275 3.53 -18.70 -10.79
N PHE B 276 4.07 -19.89 -10.53
CA PHE B 276 4.31 -20.84 -11.62
C PHE B 276 3.01 -21.30 -12.25
N ALA B 277 1.97 -21.51 -11.43
CA ALA B 277 0.68 -21.96 -11.97
C ALA B 277 0.13 -20.91 -12.94
N LEU B 278 0.16 -19.64 -12.55
CA LEU B 278 -0.32 -18.58 -13.44
C LEU B 278 0.50 -18.51 -14.72
N TYR B 279 1.82 -18.61 -14.59
CA TYR B 279 2.71 -18.67 -15.73
C TYR B 279 2.32 -19.79 -16.68
N PHE B 280 2.19 -21.01 -16.17
CA PHE B 280 1.80 -22.12 -17.05
C PHE B 280 0.41 -21.91 -17.66
N LEU B 281 -0.53 -21.35 -16.90
CA LEU B 281 -1.86 -21.05 -17.46
C LEU B 281 -1.78 -20.09 -18.66
N VAL B 282 -1.10 -18.96 -18.51
CA VAL B 282 -1.01 -18.01 -19.63
C VAL B 282 -0.19 -18.54 -20.83
N LYS B 283 0.71 -19.50 -20.62
CA LYS B 283 1.45 -20.12 -21.72
C LYS B 283 0.69 -21.29 -22.36
N ASN B 284 -0.44 -21.67 -21.78
CA ASN B 284 -1.20 -22.83 -22.24
C ASN B 284 -2.70 -22.48 -22.18
N PRO B 285 -3.17 -21.65 -23.12
CA PRO B 285 -4.53 -21.10 -23.08
C PRO B 285 -5.66 -22.12 -23.03
N HIS B 286 -5.49 -23.31 -23.62
CA HIS B 286 -6.52 -24.37 -23.52
C HIS B 286 -6.68 -24.88 -22.09
N VAL B 287 -5.56 -25.02 -21.40
CA VAL B 287 -5.56 -25.37 -19.98
C VAL B 287 -6.22 -24.27 -19.16
N LEU B 288 -5.85 -23.02 -19.45
CA LEU B 288 -6.48 -21.85 -18.82
C LEU B 288 -8.00 -21.84 -19.04
N GLN B 289 -8.46 -22.16 -20.26
CA GLN B 289 -9.91 -22.30 -20.56
C GLN B 289 -10.56 -23.31 -19.61
N LYS B 290 -9.98 -24.49 -19.49
CA LYS B 290 -10.58 -25.56 -18.68
C LYS B 290 -10.67 -25.16 -17.22
N ALA B 291 -9.60 -24.53 -16.73
CA ALA B 291 -9.52 -24.10 -15.33
C ALA B 291 -10.54 -23.00 -15.05
N ALA B 292 -10.57 -21.98 -15.92
CA ALA B 292 -11.51 -20.88 -15.81
C ALA B 292 -12.97 -21.36 -15.91
N GLU B 293 -13.24 -22.31 -16.79
CA GLU B 293 -14.57 -22.90 -16.92
C GLU B 293 -14.98 -23.56 -15.61
N GLU B 294 -14.10 -24.38 -15.05
CA GLU B 294 -14.37 -25.00 -13.76
C GLU B 294 -14.67 -23.96 -12.68
N ALA B 295 -13.80 -22.97 -12.55
CA ALA B 295 -13.95 -21.89 -11.58
C ALA B 295 -15.32 -21.20 -11.70
N ALA B 296 -15.71 -20.86 -12.92
CA ALA B 296 -17.03 -20.25 -13.16
C ALA B 296 -18.18 -21.21 -12.81
N ARG B 297 -18.06 -22.48 -13.19
CA ARG B 297 -19.10 -23.49 -12.89
C ARG B 297 -19.27 -23.82 -11.40
N VAL B 298 -18.16 -23.81 -10.66
CA VAL B 298 -18.16 -24.25 -9.25
C VAL B 298 -18.33 -23.09 -8.25
N LEU B 299 -17.65 -21.97 -8.51
CA LEU B 299 -17.68 -20.82 -7.58
C LEU B 299 -18.87 -19.91 -7.86
N VAL B 300 -20.06 -20.45 -7.58
CA VAL B 300 -21.33 -19.78 -7.88
C VAL B 300 -21.70 -18.63 -6.93
N ASP B 301 -21.03 -18.54 -5.78
CA ASP B 301 -21.29 -17.50 -4.78
C ASP B 301 -20.19 -16.44 -4.76
N PRO B 302 -20.48 -15.23 -4.27
CA PRO B 302 -19.45 -14.18 -4.20
C PRO B 302 -18.24 -14.57 -3.34
N VAL B 303 -18.53 -15.25 -2.23
CA VAL B 303 -17.54 -15.74 -1.28
C VAL B 303 -17.43 -17.25 -1.54
N PRO B 304 -16.23 -17.76 -1.88
CA PRO B 304 -16.15 -19.23 -2.00
C PRO B 304 -16.25 -19.95 -0.65
N SER B 305 -16.97 -21.06 -0.62
CA SER B 305 -17.08 -21.91 0.57
C SER B 305 -15.94 -22.92 0.56
N TYR B 306 -15.67 -23.47 1.74
CA TYR B 306 -14.71 -24.56 1.89
C TYR B 306 -15.00 -25.72 0.93
N LYS B 307 -16.26 -26.12 0.89
CA LYS B 307 -16.74 -27.24 0.08
C LYS B 307 -16.57 -26.99 -1.43
N GLN B 308 -16.76 -25.74 -1.85
CA GLN B 308 -16.56 -25.34 -3.25
C GLN B 308 -15.09 -25.42 -3.65
N VAL B 309 -14.19 -25.03 -2.75
CA VAL B 309 -12.74 -25.16 -3.03
C VAL B 309 -12.34 -26.61 -3.24
N LYS B 310 -12.86 -27.52 -2.41
CA LYS B 310 -12.63 -28.97 -2.59
C LYS B 310 -13.20 -29.54 -3.89
N GLN B 311 -14.22 -28.89 -4.43
CA GLN B 311 -14.84 -29.24 -5.72
C GLN B 311 -14.00 -28.81 -6.94
N LEU B 312 -13.00 -27.94 -6.75
CA LEU B 312 -12.14 -27.50 -7.85
C LEU B 312 -11.04 -28.50 -8.23
N LYS B 313 -11.46 -29.61 -8.83
CA LYS B 313 -10.55 -30.71 -9.13
C LYS B 313 -9.47 -30.35 -10.17
N TYR B 314 -9.91 -29.75 -11.28
CA TYR B 314 -9.00 -29.38 -12.35
C TYR B 314 -8.01 -28.30 -11.93
N VAL B 315 -8.46 -27.32 -11.15
CA VAL B 315 -7.55 -26.34 -10.55
C VAL B 315 -6.48 -27.06 -9.72
N GLY B 316 -6.90 -28.05 -8.95
CA GLY B 316 -5.98 -28.90 -8.18
C GLY B 316 -4.95 -29.64 -9.04
N MET B 317 -5.41 -30.13 -10.20
CA MET B 317 -4.56 -30.76 -11.18
C MET B 317 -3.54 -29.81 -11.80
N VAL B 318 -3.97 -28.58 -12.12
CA VAL B 318 -3.09 -27.52 -12.59
C VAL B 318 -1.96 -27.28 -11.57
N LEU B 319 -2.34 -27.18 -10.30
CA LEU B 319 -1.39 -26.94 -9.23
C LEU B 319 -0.39 -28.10 -9.08
N ASN B 320 -0.86 -29.35 -9.12
CA ASN B 320 0.07 -30.48 -9.07
C ASN B 320 1.01 -30.55 -10.27
N GLU B 321 0.53 -30.17 -11.45
CA GLU B 321 1.36 -30.16 -12.64
C GLU B 321 2.40 -29.04 -12.59
N ALA B 322 2.04 -27.90 -11.97
CA ALA B 322 3.01 -26.83 -11.75
C ALA B 322 4.07 -27.29 -10.75
N LEU B 323 3.65 -28.02 -9.72
CA LEU B 323 4.56 -28.64 -8.75
C LEU B 323 5.44 -29.72 -9.35
N ARG B 324 4.94 -30.41 -10.37
CA ARG B 324 5.74 -31.42 -11.05
C ARG B 324 6.93 -30.76 -11.75
N LEU B 325 6.66 -29.77 -12.58
CA LEU B 325 7.70 -29.09 -13.34
C LEU B 325 8.60 -28.24 -12.47
N TRP B 326 8.02 -27.43 -11.59
CA TRP B 326 8.81 -26.54 -10.73
C TRP B 326 8.44 -26.63 -9.24
N PRO B 327 8.78 -27.75 -8.59
CA PRO B 327 8.59 -27.88 -7.13
C PRO B 327 9.38 -26.79 -6.41
N THR B 328 8.69 -25.95 -5.64
CA THR B 328 9.26 -24.68 -5.21
C THR B 328 10.20 -24.79 -4.03
N ALA B 329 10.19 -25.92 -3.32
CA ALA B 329 11.27 -26.33 -2.44
C ALA B 329 11.93 -27.52 -3.17
N PRO B 330 12.86 -27.22 -4.10
CA PRO B 330 13.24 -28.20 -5.11
C PRO B 330 14.16 -29.35 -4.68
N ALA B 331 14.60 -29.37 -3.43
CA ALA B 331 15.44 -30.47 -2.94
C ALA B 331 15.24 -30.78 -1.46
N PHE B 332 15.53 -32.01 -1.09
CA PHE B 332 15.67 -32.40 0.31
C PHE B 332 16.77 -33.43 0.46
N SER B 333 17.27 -33.55 1.68
CA SER B 333 18.51 -34.26 1.98
C SER B 333 18.21 -35.42 2.90
N LEU B 334 18.96 -36.51 2.74
CA LEU B 334 18.82 -37.69 3.58
C LEU B 334 20.20 -38.19 3.99
N TYR B 335 20.24 -38.99 5.06
CA TYR B 335 21.47 -39.69 5.47
C TYR B 335 21.17 -41.15 5.73
N ALA B 336 22.17 -41.99 5.46
CA ALA B 336 22.07 -43.44 5.67
C ALA B 336 22.13 -43.75 7.16
N LYS B 337 21.11 -44.41 7.67
CA LYS B 337 21.03 -44.77 9.10
C LYS B 337 22.04 -45.85 9.44
N GLU B 338 22.21 -46.81 8.54
CA GLU B 338 23.28 -47.82 8.63
C GLU B 338 23.97 -47.97 7.27
N ASP B 339 25.04 -48.78 7.24
CA ASP B 339 25.67 -49.20 5.98
C ASP B 339 24.60 -49.86 5.10
N THR B 340 24.56 -49.49 3.83
CA THR B 340 23.52 -50.00 2.93
C THR B 340 23.91 -49.81 1.47
N VAL B 341 23.30 -50.60 0.60
CA VAL B 341 23.59 -50.57 -0.84
C VAL B 341 22.40 -49.97 -1.55
N LEU B 342 22.61 -48.84 -2.20
CA LEU B 342 21.55 -48.15 -2.93
C LEU B 342 21.50 -48.65 -4.38
N GLY B 343 20.36 -49.22 -4.75
CA GLY B 343 20.11 -49.67 -6.12
C GLY B 343 20.82 -50.95 -6.54
N GLY B 344 21.29 -51.72 -5.56
CA GLY B 344 22.14 -52.90 -5.80
C GLY B 344 23.52 -52.58 -6.35
N GLU B 345 23.91 -51.31 -6.28
CA GLU B 345 25.00 -50.77 -7.10
C GLU B 345 25.95 -49.85 -6.33
N TYR B 346 25.38 -48.87 -5.64
CA TYR B 346 26.16 -47.82 -4.99
C TYR B 346 26.21 -48.04 -3.47
N PRO B 347 27.35 -48.55 -2.95
CA PRO B 347 27.43 -48.85 -1.52
C PRO B 347 27.61 -47.59 -0.69
N LEU B 348 26.85 -47.49 0.40
CA LEU B 348 26.87 -46.31 1.28
C LEU B 348 27.22 -46.71 2.72
N GLU B 349 28.11 -45.92 3.33
CA GLU B 349 28.42 -46.06 4.75
C GLU B 349 27.43 -45.26 5.59
N LYS B 350 27.28 -45.68 6.85
CA LYS B 350 26.46 -44.98 7.82
C LYS B 350 26.84 -43.50 7.86
N GLY B 351 25.83 -42.64 7.73
CA GLY B 351 26.03 -41.20 7.76
C GLY B 351 26.22 -40.56 6.39
N ASP B 352 26.36 -41.36 5.32
CA ASP B 352 26.51 -40.81 3.97
C ASP B 352 25.25 -40.07 3.54
N GLU B 353 25.44 -38.94 2.85
CA GLU B 353 24.34 -38.02 2.55
C GLU B 353 23.88 -38.15 1.10
N LEU B 354 22.56 -38.00 0.93
CA LEU B 354 21.91 -38.00 -0.38
C LEU B 354 21.10 -36.72 -0.55
N MET B 355 21.13 -36.15 -1.76
CA MET B 355 20.29 -35.03 -2.14
C MET B 355 19.28 -35.53 -3.17
N VAL B 356 17.99 -35.33 -2.88
CA VAL B 356 16.93 -35.64 -3.83
C VAL B 356 16.68 -34.40 -4.67
N LEU B 357 16.94 -34.49 -5.97
CA LEU B 357 16.71 -33.38 -6.91
C LEU B 357 15.29 -33.52 -7.47
N ILE B 358 14.33 -32.87 -6.80
CA ILE B 358 12.90 -33.09 -7.09
C ILE B 358 12.51 -32.78 -8.54
N PRO B 359 13.00 -31.66 -9.12
CA PRO B 359 12.61 -31.38 -10.51
C PRO B 359 13.04 -32.46 -11.50
N GLN B 360 14.18 -33.11 -11.23
CA GLN B 360 14.65 -34.21 -12.04
C GLN B 360 13.83 -35.46 -11.83
N LEU B 361 13.53 -35.79 -10.58
CA LEU B 361 12.58 -36.88 -10.27
C LEU B 361 11.33 -36.75 -11.10
N HIS B 362 10.79 -35.53 -11.12
CA HIS B 362 9.56 -35.21 -11.84
C HIS B 362 9.65 -35.17 -13.38
N ARG B 363 10.87 -35.27 -13.92
CA ARG B 363 11.13 -35.41 -15.34
C ARG B 363 11.63 -36.81 -15.70
N ASP B 364 11.43 -37.78 -14.79
CA ASP B 364 11.87 -39.17 -15.03
C ASP B 364 11.02 -39.77 -16.15
N LYS B 365 11.63 -39.91 -17.33
CA LYS B 365 10.91 -40.39 -18.52
C LYS B 365 10.35 -41.82 -18.41
N THR B 366 10.98 -42.65 -17.58
CA THR B 366 10.51 -44.03 -17.37
C THR B 366 9.16 -44.05 -16.62
N ILE B 367 8.91 -43.01 -15.82
CA ILE B 367 7.64 -42.84 -15.10
C ILE B 367 6.62 -42.04 -15.91
N TRP B 368 7.04 -40.88 -16.39
CA TRP B 368 6.08 -39.88 -16.94
C TRP B 368 5.83 -39.93 -18.45
N GLY B 369 6.71 -40.61 -19.20
CA GLY B 369 6.66 -40.59 -20.69
C GLY B 369 7.75 -39.67 -21.21
N ASP B 370 7.88 -39.56 -22.53
CA ASP B 370 8.96 -38.71 -23.10
C ASP B 370 8.65 -37.20 -23.12
N ASP B 371 7.39 -36.83 -22.95
CA ASP B 371 6.94 -35.43 -23.08
C ASP B 371 7.01 -34.63 -21.75
N VAL B 372 8.01 -34.92 -20.91
CA VAL B 372 8.05 -34.41 -19.53
C VAL B 372 8.10 -32.89 -19.37
N GLU B 373 8.53 -32.17 -20.40
CA GLU B 373 8.57 -30.71 -20.35
C GLU B 373 7.23 -30.03 -20.65
N GLU B 374 6.28 -30.75 -21.22
CA GLU B 374 4.95 -30.20 -21.52
C GLU B 374 4.12 -30.06 -20.25
N PHE B 375 3.27 -29.04 -20.23
CA PHE B 375 2.38 -28.77 -19.13
C PHE B 375 1.03 -29.44 -19.41
N ARG B 376 0.79 -30.58 -18.77
CA ARG B 376 -0.45 -31.33 -18.96
C ARG B 376 -1.01 -31.72 -17.61
N PRO B 377 -1.97 -30.93 -17.08
CA PRO B 377 -2.63 -31.26 -15.80
C PRO B 377 -3.33 -32.64 -15.78
N GLU B 378 -3.74 -33.12 -16.94
CA GLU B 378 -4.33 -34.47 -17.11
C GLU B 378 -3.47 -35.65 -16.62
N ARG B 379 -2.16 -35.44 -16.44
CA ARG B 379 -1.31 -36.41 -15.74
C ARG B 379 -1.85 -36.76 -14.34
N PHE B 380 -2.51 -35.80 -13.69
CA PHE B 380 -3.06 -35.95 -12.35
C PHE B 380 -4.58 -36.24 -12.24
N GLU B 381 -5.19 -36.67 -13.33
N GLU B 381 -5.19 -36.67 -13.34
CA GLU B 381 -6.63 -36.98 -13.33
CA GLU B 381 -6.63 -37.01 -13.36
C GLU B 381 -6.99 -38.15 -12.41
C GLU B 381 -6.95 -38.14 -12.37
N ASN B 382 -6.16 -39.21 -12.43
CA ASN B 382 -6.24 -40.35 -11.49
C ASN B 382 -5.05 -40.31 -10.53
N PRO B 383 -5.25 -39.87 -9.26
CA PRO B 383 -4.12 -39.89 -8.30
C PRO B 383 -3.43 -41.27 -8.12
N SER B 384 -4.22 -42.34 -8.14
CA SER B 384 -3.70 -43.71 -7.96
C SER B 384 -2.72 -44.19 -9.05
N ALA B 385 -2.85 -43.62 -10.25
CA ALA B 385 -1.98 -43.96 -11.39
C ALA B 385 -0.53 -43.46 -11.26
N ILE B 386 -0.28 -42.53 -10.34
CA ILE B 386 1.07 -42.03 -10.09
C ILE B 386 1.79 -43.01 -9.17
N PRO B 387 2.91 -43.62 -9.62
CA PRO B 387 3.61 -44.58 -8.77
C PRO B 387 4.09 -43.99 -7.44
N GLN B 388 4.24 -44.86 -6.45
CA GLN B 388 4.78 -44.46 -5.14
C GLN B 388 6.16 -43.83 -5.30
N HIS B 389 6.34 -42.69 -4.63
CA HIS B 389 7.58 -41.92 -4.66
C HIS B 389 7.99 -41.32 -6.02
N ALA B 390 7.07 -41.30 -6.99
CA ALA B 390 7.32 -40.60 -8.26
C ALA B 390 7.08 -39.07 -8.19
N PHE B 391 6.20 -38.65 -7.27
CA PHE B 391 5.78 -37.25 -7.16
C PHE B 391 5.94 -36.81 -5.70
N LYS B 392 7.00 -36.04 -5.43
CA LYS B 392 7.37 -35.66 -4.05
C LYS B 392 7.65 -34.15 -3.82
N PRO B 393 6.74 -33.28 -4.28
CA PRO B 393 6.88 -31.84 -4.01
C PRO B 393 6.80 -31.46 -2.52
N PHE B 394 6.20 -32.32 -1.71
CA PHE B 394 6.06 -32.11 -0.26
C PHE B 394 6.95 -33.01 0.59
N GLY B 395 8.00 -33.56 0.01
CA GLY B 395 8.97 -34.36 0.77
C GLY B 395 8.45 -35.77 1.06
N ASN B 396 8.95 -36.37 2.13
CA ASN B 396 8.79 -37.81 2.35
C ASN B 396 8.49 -38.20 3.78
N GLY B 397 7.53 -39.12 3.92
CA GLY B 397 7.28 -39.85 5.16
C GLY B 397 6.91 -38.97 6.32
N GLN B 398 7.40 -39.31 7.50
CA GLN B 398 7.10 -38.53 8.71
C GLN B 398 7.69 -37.10 8.67
N ARG B 399 8.72 -36.87 7.85
CA ARG B 399 9.31 -35.53 7.65
C ARG B 399 8.78 -34.80 6.41
N ALA B 400 7.60 -35.19 5.93
CA ALA B 400 6.97 -34.54 4.78
C ALA B 400 6.36 -33.23 5.27
N CYS B 401 5.93 -32.41 4.32
CA CYS B 401 5.40 -31.09 4.63
C CYS B 401 4.13 -31.19 5.50
N ILE B 402 4.20 -30.64 6.71
CA ILE B 402 3.04 -30.59 7.61
C ILE B 402 1.94 -29.66 7.07
N GLY B 403 2.36 -28.65 6.29
CA GLY B 403 1.42 -27.66 5.75
C GLY B 403 0.91 -27.91 4.35
N GLN B 404 1.02 -29.14 3.85
CA GLN B 404 0.62 -29.46 2.47
C GLN B 404 -0.87 -29.15 2.22
N GLN B 405 -1.74 -29.53 3.15
CA GLN B 405 -3.18 -29.30 2.97
C GLN B 405 -3.51 -27.79 3.05
N PHE B 406 -2.78 -27.06 3.89
CA PHE B 406 -2.88 -25.59 3.99
C PHE B 406 -2.50 -24.92 2.68
N ALA B 407 -1.29 -25.23 2.20
CA ALA B 407 -0.77 -24.67 0.94
C ALA B 407 -1.72 -24.93 -0.24
N LEU B 408 -2.15 -26.17 -0.39
CA LEU B 408 -3.05 -26.53 -1.50
C LEU B 408 -4.46 -25.94 -1.38
N HIS B 409 -4.97 -25.78 -0.16
CA HIS B 409 -6.27 -25.14 0.01
C HIS B 409 -6.20 -23.66 -0.35
N GLU B 410 -5.21 -22.98 0.21
CA GLU B 410 -4.97 -21.59 -0.13
C GLU B 410 -4.81 -21.39 -1.63
N ALA B 411 -3.94 -22.17 -2.26
CA ALA B 411 -3.63 -21.99 -3.67
C ALA B 411 -4.85 -22.30 -4.57
N THR B 412 -5.60 -23.33 -4.21
CA THR B 412 -6.80 -23.71 -4.97
C THR B 412 -7.88 -22.62 -4.86
N LEU B 413 -8.07 -22.09 -3.67
CA LEU B 413 -9.01 -20.97 -3.42
C LEU B 413 -8.60 -19.74 -4.22
N VAL B 414 -7.35 -19.32 -4.07
CA VAL B 414 -6.90 -18.09 -4.68
C VAL B 414 -6.88 -18.18 -6.20
N LEU B 415 -6.31 -19.27 -6.75
CA LEU B 415 -6.26 -19.46 -8.19
C LEU B 415 -7.68 -19.57 -8.77
N GLY B 416 -8.56 -20.28 -8.05
CA GLY B 416 -9.98 -20.36 -8.41
C GLY B 416 -10.64 -18.99 -8.54
N MET B 417 -10.49 -18.18 -7.50
CA MET B 417 -11.01 -16.80 -7.52
C MET B 417 -10.39 -15.95 -8.63
N MET B 418 -9.07 -16.04 -8.81
CA MET B 418 -8.39 -15.32 -9.89
C MET B 418 -8.97 -15.63 -11.27
N LEU B 419 -9.15 -16.91 -11.54
CA LEU B 419 -9.74 -17.37 -12.79
C LEU B 419 -11.22 -17.00 -12.91
N LYS B 420 -11.93 -16.98 -11.79
CA LYS B 420 -13.34 -16.57 -11.83
C LYS B 420 -13.49 -15.10 -12.23
N HIS B 421 -12.64 -14.25 -11.67
CA HIS B 421 -12.78 -12.80 -11.74
C HIS B 421 -12.07 -12.09 -12.88
N PHE B 422 -11.01 -12.70 -13.45
CA PHE B 422 -10.20 -12.05 -14.49
C PHE B 422 -9.86 -12.95 -15.67
N ASP B 423 -9.85 -12.36 -16.86
CA ASP B 423 -9.12 -12.89 -18.00
C ASP B 423 -7.69 -12.33 -17.90
N PHE B 424 -6.71 -13.13 -18.30
CA PHE B 424 -5.29 -12.77 -18.15
C PHE B 424 -4.58 -12.69 -19.48
N GLU B 425 -3.61 -11.78 -19.58
CA GLU B 425 -2.86 -11.57 -20.83
C GLU B 425 -1.36 -11.56 -20.53
N ASP B 426 -0.62 -12.37 -21.29
CA ASP B 426 0.84 -12.44 -21.26
C ASP B 426 1.39 -11.32 -22.15
N HIS B 427 1.21 -10.09 -21.71
CA HIS B 427 1.40 -8.90 -22.57
C HIS B 427 2.83 -8.66 -23.00
N THR B 428 3.80 -9.16 -22.23
CA THR B 428 5.21 -9.04 -22.58
C THR B 428 5.81 -10.26 -23.30
N ASN B 429 5.00 -11.30 -23.53
N ASN B 429 5.00 -11.30 -23.50
CA ASN B 429 5.49 -12.63 -23.92
CA ASN B 429 5.48 -12.61 -23.93
C ASN B 429 6.66 -13.03 -23.01
C ASN B 429 6.65 -13.04 -23.03
N TYR B 430 6.37 -13.09 -21.73
CA TYR B 430 7.38 -13.31 -20.67
C TYR B 430 8.27 -14.52 -20.89
N GLU B 431 9.59 -14.31 -20.83
CA GLU B 431 10.55 -15.39 -20.91
C GLU B 431 10.82 -15.89 -19.49
N LEU B 432 10.62 -17.18 -19.27
CA LEU B 432 10.74 -17.75 -17.91
C LEU B 432 12.14 -17.55 -17.38
N ASP B 433 12.22 -16.90 -16.22
CA ASP B 433 13.50 -16.64 -15.56
C ASP B 433 13.34 -16.95 -14.08
N ILE B 434 13.93 -18.06 -13.66
CA ILE B 434 13.68 -18.60 -12.32
C ILE B 434 14.75 -18.14 -11.32
N LYS B 435 14.33 -17.30 -10.38
CA LYS B 435 15.19 -16.83 -9.32
C LYS B 435 15.20 -17.88 -8.21
N GLU B 436 16.38 -18.11 -7.66
CA GLU B 436 16.59 -19.07 -6.59
C GLU B 436 17.03 -18.38 -5.31
N THR B 437 16.30 -18.65 -4.22
CA THR B 437 16.63 -18.21 -2.88
C THR B 437 16.47 -19.41 -1.95
N LEU B 438 17.18 -20.49 -2.27
CA LEU B 438 16.82 -21.86 -1.84
C LEU B 438 15.54 -22.33 -2.55
N THR B 439 14.41 -21.66 -2.28
CA THR B 439 13.17 -21.86 -3.05
C THR B 439 13.20 -21.23 -4.46
N LEU B 440 12.23 -21.61 -5.30
CA LEU B 440 12.14 -21.16 -6.69
C LEU B 440 10.93 -20.26 -6.96
N LYS B 441 11.16 -19.20 -7.75
CA LYS B 441 10.11 -18.27 -8.19
C LYS B 441 10.43 -17.69 -9.57
N PRO B 442 9.40 -17.44 -10.41
CA PRO B 442 9.61 -16.81 -11.71
C PRO B 442 9.82 -15.28 -11.66
N GLU B 443 11.07 -14.84 -11.66
CA GLU B 443 11.38 -13.42 -11.50
C GLU B 443 10.89 -12.57 -12.67
N GLY B 444 10.22 -11.46 -12.36
CA GLY B 444 9.79 -10.48 -13.35
C GLY B 444 8.58 -10.90 -14.15
N PHE B 445 7.86 -11.92 -13.67
CA PHE B 445 6.68 -12.39 -14.36
C PHE B 445 5.59 -11.34 -14.15
N VAL B 446 5.08 -10.80 -15.27
CA VAL B 446 4.02 -9.80 -15.25
C VAL B 446 2.90 -10.19 -16.21
N VAL B 447 1.69 -9.78 -15.86
CA VAL B 447 0.51 -9.97 -16.70
C VAL B 447 -0.40 -8.76 -16.60
N LYS B 448 -1.35 -8.65 -17.52
CA LYS B 448 -2.48 -7.73 -17.35
C LYS B 448 -3.69 -8.59 -17.08
N ALA B 449 -4.58 -8.08 -16.23
CA ALA B 449 -5.81 -8.77 -15.86
C ALA B 449 -7.03 -7.95 -16.25
N LYS B 450 -7.76 -8.39 -17.26
CA LYS B 450 -9.01 -7.74 -17.65
C LYS B 450 -10.10 -8.30 -16.76
N SER B 451 -10.78 -7.40 -16.05
CA SER B 451 -11.82 -7.78 -15.13
C SER B 451 -13.04 -8.30 -15.88
N LYS B 452 -13.66 -9.34 -15.35
CA LYS B 452 -14.91 -9.87 -15.91
C LYS B 452 -16.15 -9.27 -15.23
N LYS B 453 -15.92 -8.31 -14.32
CA LYS B 453 -16.99 -7.50 -13.70
C LYS B 453 -17.97 -8.31 -12.85
N ILE B 454 -17.48 -9.37 -12.22
CA ILE B 454 -18.28 -10.19 -11.30
C ILE B 454 -18.06 -9.61 -9.89
N PRO B 455 -19.14 -9.09 -9.25
CA PRO B 455 -18.94 -8.47 -7.92
C PRO B 455 -18.58 -9.44 -6.78
N LEU B 456 -18.03 -8.89 -5.71
CA LEU B 456 -17.58 -9.66 -4.54
C LEU B 456 -18.64 -9.73 -3.44
CHA HEM C . -10.96 28.55 -5.06
CHB HEM C . -10.50 27.25 -0.44
CHC HEM C . -11.68 22.69 -1.65
CHD HEM C . -11.57 23.90 -6.32
C1A HEM C . -10.79 28.59 -3.71
C2A HEM C . -10.41 29.75 -2.96
C3A HEM C . -10.27 29.37 -1.66
C4A HEM C . -10.57 27.99 -1.60
CMA HEM C . -9.89 30.27 -0.50
CAA HEM C . -10.21 31.16 -3.50
CBA HEM C . -8.75 31.35 -3.93
CGA HEM C . -8.41 32.79 -4.26
O1A HEM C . -7.25 33.05 -4.69
O2A HEM C . -9.25 33.73 -4.16
C1B HEM C . -10.80 25.87 -0.36
C2B HEM C . -10.82 25.14 0.87
C3B HEM C . -11.16 23.85 0.54
C4B HEM C . -11.33 23.83 -0.92
CMB HEM C . -10.52 25.70 2.25
CAB HEM C . -11.36 22.65 1.39
CBB HEM C . -11.39 22.63 2.71
C1C HEM C . -11.78 22.59 -3.03
C2C HEM C . -12.15 21.43 -3.75
C3C HEM C . -12.11 21.78 -5.11
C4C HEM C . -11.70 23.15 -5.17
CMC HEM C . -12.51 20.08 -3.13
CAC HEM C . -12.44 20.98 -6.30
CBC HEM C . -12.99 19.77 -6.33
C1D HEM C . -11.40 25.28 -6.31
C2D HEM C . -11.35 26.03 -7.57
C3D HEM C . -11.19 27.33 -7.23
C4D HEM C . -11.14 27.36 -5.75
CMD HEM C . -11.46 25.54 -9.00
CAD HEM C . -11.08 28.48 -8.19
CBD HEM C . -12.48 29.03 -8.45
CGD HEM C . -12.49 30.17 -9.46
O1D HEM C . -11.84 31.22 -9.21
O2D HEM C . -13.18 30.08 -10.50
NA HEM C . -10.85 27.51 -2.86
NB HEM C . -11.11 25.06 -1.36
NC HEM C . -11.54 23.60 -3.90
ND HEM C . -11.28 26.09 -5.24
FE HEM C . -11.25 25.61 -3.38
N TRP D . 2.74 36.43 -0.24
CA TRP D . 2.06 37.41 -1.11
C TRP D . 2.22 37.04 -2.56
O TRP D . 2.06 37.91 -3.45
CB TRP D . 2.46 38.87 -0.83
CG TRP D . 3.89 39.38 -0.88
CD1 TRP D . 4.31 40.43 -0.05
CD2 TRP D . 5.09 39.07 -1.71
NE1 TRP D . 5.60 40.77 -0.28
CE2 TRP D . 6.15 40.01 -1.25
CE3 TRP D . 5.40 38.17 -2.73
CZ2 TRP D . 7.41 39.97 -1.83
CZ3 TRP D . 6.69 38.16 -3.28
CH2 TRP D . 7.69 39.05 -2.84
OXT TRP D . 2.50 35.84 -2.84
C 87X E . 2.29 36.04 0.96
O 87X E . 1.29 36.48 1.50
C12 87X E . 3.10 34.97 1.67
C13 87X E . 2.20 33.85 2.20
C14 87X E . 1.55 32.99 1.10
C15 87X E . 0.08 32.72 1.38
C16 87X E . -0.55 31.75 0.36
C21 87X E . -1.80 31.10 0.95
C20 87X E . -2.55 30.21 -0.03
C19 87X E . -2.83 30.91 -1.36
C18 87X E . -1.56 31.55 -1.94
C17 87X E . -0.89 32.49 -0.94
CHA HEM F . 8.46 -29.48 5.15
CHB HEM F . 7.49 -28.30 0.57
CHC HEM F . 4.03 -25.24 2.07
CHD HEM F . 5.41 -26.03 6.64
C1A HEM F . 8.46 -29.44 3.78
C2A HEM F . 9.31 -30.23 2.96
C3A HEM F . 9.04 -29.88 1.67
C4A HEM F . 8.03 -28.89 1.69
CMA HEM F . 9.69 -30.44 0.42
CAA HEM F . 10.33 -31.27 3.40
CBA HEM F . 11.72 -30.59 3.49
CGA HEM F . 12.82 -31.55 3.88
O1A HEM F . 13.91 -31.08 4.31
O2A HEM F . 12.70 -32.78 3.81
C1B HEM F . 6.43 -27.35 0.56
C2B HEM F . 5.84 -26.81 -0.62
C3B HEM F . 4.86 -25.94 -0.21
C4B HEM F . 4.89 -25.99 1.27
CMB HEM F . 6.21 -27.12 -2.05
CAB HEM F . 3.89 -25.12 -1.00
CBB HEM F . 3.65 -25.22 -2.29
C1C HEM F . 4.08 -25.17 3.46
C2C HEM F . 3.20 -24.42 4.27
C3C HEM F . 3.61 -24.64 5.59
C4C HEM F . 4.72 -25.53 5.55
CMC HEM F . 2.06 -23.55 3.78
CAC HEM F . 3.00 -24.14 6.85
CBC HEM F . 1.81 -23.55 6.97
C1D HEM F . 6.36 -27.04 6.56
C2D HEM F . 6.98 -27.59 7.77
C3D HEM F . 7.82 -28.55 7.35
C4D HEM F . 7.70 -28.58 5.89
CMD HEM F . 6.77 -27.22 9.22
CAD HEM F . 8.69 -29.43 8.24
CBD HEM F . 7.89 -30.68 8.59
CGD HEM F . 8.61 -31.58 9.56
O1D HEM F . 9.76 -32.02 9.29
O2D HEM F . 8.08 -31.93 10.65
NA HEM F . 7.70 -28.60 3.00
NB HEM F . 5.84 -26.84 1.64
NC HEM F . 4.97 -25.84 4.24
ND HEM F . 6.81 -27.66 5.44
FE HEM F . 6.32 -27.30 3.63
N TRP G . 23.07 -27.54 -1.75
CA TRP G . 23.50 -28.70 -0.95
C TRP G . 23.54 -28.45 0.54
O TRP G . 24.00 -29.36 1.28
CB TRP G . 24.86 -29.10 -1.54
CG TRP G . 26.12 -28.61 -0.87
CD1 TRP G . 26.46 -27.34 -0.38
CD2 TRP G . 27.32 -29.43 -0.66
NE1 TRP G . 27.72 -27.35 0.14
CE2 TRP G . 28.30 -28.56 0.00
CE3 TRP G . 27.58 -30.76 -0.95
CZ2 TRP G . 29.54 -29.13 0.32
CZ3 TRP G . 28.84 -31.29 -0.61
CH2 TRP G . 29.79 -30.48 0.02
OXT TRP G . 23.10 -27.38 1.01
C 87X H . 22.40 -27.63 -2.90
O 87X H . 22.04 -28.67 -3.43
C12 87X H . 22.06 -26.30 -3.56
C13 87X H . 20.55 -26.15 -3.70
C14 87X H . 19.82 -25.96 -2.38
C15 87X H . 18.48 -26.69 -2.38
C16 87X H . 17.52 -26.13 -1.33
C21 87X H . 16.10 -26.63 -1.61
C20 87X H . 15.06 -26.01 -0.67
C19 87X H . 15.55 -25.94 0.78
C18 87X H . 16.80 -26.78 1.05
C17 87X H . 17.96 -26.49 0.10
#